data_6E69
#
_entry.id   6E69
#
_cell.length_a   69.470
_cell.length_b   124.590
_cell.length_c   126.704
_cell.angle_alpha   90.00
_cell.angle_beta   90.00
_cell.angle_gamma   90.00
#
_symmetry.space_group_name_H-M   'P 21 21 21'
#
loop_
_entity.id
_entity.type
_entity.pdbx_description
1 polymer 'Neutrophil elastase'
2 branched 2-acetamido-2-deoxy-beta-D-glucopyranose-(1-4)-[alpha-L-fucopyranose-(1-6)]2-acetamido-2-deoxy-beta-D-glucopyranose
3 branched 2-acetamido-2-deoxy-beta-D-glucopyranose-(1-4)-2-acetamido-2-deoxy-beta-D-glucopyranose
4 non-polymer '2-(fluorosulfonyl)benzene-1-sulfonic acid'
5 non-polymer 2-acetamido-2-deoxy-beta-D-glucopyranose
6 water water
#
_entity_poly.entity_id   1
_entity_poly.type   'polypeptide(L)'
_entity_poly.pdbx_seq_one_letter_code
;IVGGRRARPHAWPFMVSLQLRGGHFCGATLIAPNFVMSAAHCVANVNVRAVRVVLGAHNLSRREPTRQVFAVQRIFENGY
DPVNLLNDIVILQLNGSATINANVQVAQLPAQGRRLGNGVQCLAMGWGLLGRNRGIASVLQELNVTVVTSLCRRSNVCTL
VRGRQAGVCFGDSGSPLVCNGLIHGIASFVRGGCASGLYPDAFAPVAQFVNWIDSIIQ
;
_entity_poly.pdbx_strand_id   A,B,C,D
#
loop_
_chem_comp.id
_chem_comp.type
_chem_comp.name
_chem_comp.formula
FUC L-saccharide, alpha linking alpha-L-fucopyranose 'C6 H12 O5'
HVP non-polymer '2-(fluorosulfonyl)benzene-1-sulfonic acid' 'C6 H5 F O5 S2'
NAG D-saccharide, beta linking 2-acetamido-2-deoxy-beta-D-glucopyranose 'C8 H15 N O6'
#
# COMPACT_ATOMS: atom_id res chain seq x y z
N ILE A 1 4.08 7.69 -3.70
CA ILE A 1 5.18 6.83 -3.28
C ILE A 1 4.93 6.22 -1.90
N VAL A 2 4.79 4.90 -1.88
CA VAL A 2 4.66 4.16 -0.63
C VAL A 2 6.03 3.68 -0.16
N GLY A 3 6.39 4.04 1.08
CA GLY A 3 7.60 3.52 1.72
C GLY A 3 8.88 4.27 1.41
N GLY A 4 8.76 5.54 1.01
CA GLY A 4 9.92 6.33 0.67
C GLY A 4 10.33 7.32 1.75
N ARG A 5 10.95 8.41 1.34
CA ARG A 5 11.41 9.45 2.26
C ARG A 5 11.19 10.82 1.61
N ARG A 6 11.15 11.86 2.41
CA ARG A 6 11.04 13.21 1.87
C ARG A 6 12.25 13.52 1.01
N ALA A 7 11.99 14.03 -0.19
CA ALA A 7 13.06 14.58 -1.01
C ALA A 7 13.51 15.88 -0.36
N ARG A 8 14.75 16.28 -0.59
CA ARG A 8 15.19 17.59 -0.10
C ARG A 8 14.66 18.65 -1.07
N PRO A 9 14.40 19.87 -0.58
CA PRO A 9 13.79 20.90 -1.42
C PRO A 9 14.54 21.15 -2.73
N HIS A 10 13.83 20.98 -3.83
CA HIS A 10 14.34 21.22 -5.19
C HIS A 10 15.54 20.36 -5.54
N ALA A 11 15.60 19.16 -4.94
CA ALA A 11 16.64 18.19 -5.30
C ALA A 11 16.47 17.74 -6.76
N TRP A 12 15.25 17.74 -7.26
CA TRP A 12 14.98 17.28 -8.62
C TRP A 12 14.24 18.38 -9.39
N PRO A 13 14.99 19.39 -9.85
CA PRO A 13 14.39 20.61 -10.39
C PRO A 13 13.73 20.43 -11.76
N PHE A 14 13.71 19.21 -12.28
CA PHE A 14 12.94 18.86 -13.50
C PHE A 14 11.57 18.26 -13.15
N MET A 15 11.32 18.05 -11.87
CA MET A 15 10.08 17.42 -11.42
C MET A 15 8.91 18.38 -11.60
N VAL A 16 7.83 17.88 -12.20
CA VAL A 16 6.68 18.72 -12.52
C VAL A 16 5.41 18.17 -11.86
N SER A 17 4.56 19.08 -11.39
CA SER A 17 3.23 18.73 -10.91
C SER A 17 2.17 19.21 -11.91
N LEU A 18 1.32 18.28 -12.35
CA LEU A 18 0.19 18.63 -13.20
C LEU A 18 -1.06 18.79 -12.34
N GLN A 19 -1.73 19.93 -12.46
CA GLN A 19 -2.79 20.23 -11.52
C GLN A 19 -4.13 20.62 -12.14
N LEU A 20 -5.21 20.23 -11.47
CA LEU A 20 -6.55 20.69 -11.81
C LEU A 20 -7.10 21.44 -10.62
N ARG A 21 -7.58 22.65 -10.87
CA ARG A 21 -8.09 23.54 -9.82
C ARG A 21 -7.16 23.67 -8.62
N GLY A 22 -5.85 23.74 -8.88
CA GLY A 22 -4.87 23.86 -7.82
C GLY A 22 -4.62 22.53 -7.14
N GLY A 23 -5.05 21.45 -7.77
CA GLY A 23 -4.89 20.14 -7.19
C GLY A 23 -4.01 19.21 -8.00
N HIS A 24 -2.93 18.74 -7.39
CA HIS A 24 -2.06 17.74 -8.02
C HIS A 24 -2.84 16.48 -8.41
N PHE A 25 -2.64 15.97 -9.63
CA PHE A 25 -3.21 14.66 -9.95
C PHE A 25 -2.23 13.74 -10.66
N CYS A 26 -1.16 14.30 -11.23
CA CYS A 26 -0.14 13.51 -11.94
C CYS A 26 1.21 14.21 -11.92
N GLY A 27 2.29 13.43 -12.04
CA GLY A 27 3.61 13.98 -12.23
C GLY A 27 3.95 14.17 -13.69
N ALA A 28 5.08 14.84 -13.94
CA ALA A 28 5.64 15.00 -15.27
C ALA A 28 7.12 15.44 -15.17
N THR A 29 7.75 15.61 -16.34
CA THR A 29 9.16 15.96 -16.42
C THR A 29 9.39 17.11 -17.42
N LEU A 30 10.10 18.15 -17.00
CA LEU A 30 10.52 19.23 -17.89
C LEU A 30 11.65 18.76 -18.82
N ILE A 31 11.39 18.68 -20.11
CA ILE A 31 12.41 18.17 -21.04
C ILE A 31 12.88 19.25 -22.01
N ALA A 32 12.31 20.43 -21.87
CA ALA A 32 12.73 21.64 -22.57
C ALA A 32 12.04 22.79 -21.85
N PRO A 33 12.53 24.04 -22.00
CA PRO A 33 11.87 25.16 -21.33
C PRO A 33 10.37 25.26 -21.63
N ASN A 34 9.94 24.76 -22.78
CA ASN A 34 8.53 24.83 -23.17
C ASN A 34 7.87 23.47 -23.49
N PHE A 35 8.43 22.38 -22.99
CA PHE A 35 7.83 21.05 -23.16
C PHE A 35 7.97 20.24 -21.89
N VAL A 36 6.93 19.48 -21.55
CA VAL A 36 7.03 18.46 -20.51
C VAL A 36 6.58 17.11 -21.05
N MET A 37 7.02 16.03 -20.41
CA MET A 37 6.47 14.73 -20.77
C MET A 37 5.89 14.07 -19.54
N SER A 38 4.83 13.28 -19.76
CA SER A 38 4.11 12.62 -18.68
C SER A 38 3.50 11.35 -19.26
N ALA A 39 2.65 10.67 -18.49
CA ALA A 39 1.95 9.50 -19.04
C ALA A 39 0.69 9.90 -19.82
N ALA A 40 0.48 9.28 -20.98
CA ALA A 40 -0.70 9.56 -21.81
C ALA A 40 -2.03 9.39 -21.06
N HIS A 41 -2.12 8.35 -20.22
CA HIS A 41 -3.38 8.06 -19.53
C HIS A 41 -3.70 9.13 -18.48
N CYS A 42 -2.71 9.94 -18.13
CA CYS A 42 -2.92 11.03 -17.19
C CYS A 42 -3.78 12.15 -17.77
N VAL A 43 -3.66 12.38 -19.08
CA VAL A 43 -4.41 13.47 -19.69
C VAL A 43 -5.60 12.96 -20.49
N ALA A 44 -5.73 11.64 -20.58
CA ALA A 44 -6.93 11.06 -21.18
C ALA A 44 -8.11 11.29 -20.25
N ASN A 45 -9.28 11.56 -20.85
CA ASN A 45 -10.49 11.87 -20.09
C ASN A 45 -10.26 12.93 -19.00
N VAL A 46 -9.61 14.02 -19.41
CA VAL A 46 -9.34 15.18 -18.57
C VAL A 46 -9.42 16.40 -19.49
N ASN A 47 -9.98 17.51 -19.00
CA ASN A 47 -9.96 18.76 -19.76
C ASN A 47 -8.56 19.37 -19.73
N VAL A 48 -7.81 19.19 -20.82
CA VAL A 48 -6.41 19.64 -20.86
C VAL A 48 -6.29 21.16 -20.87
N ARG A 49 -7.34 21.85 -21.31
CA ARG A 49 -7.33 23.31 -21.32
C ARG A 49 -7.38 23.89 -19.92
N ALA A 50 -7.75 23.06 -18.96
CA ALA A 50 -7.84 23.50 -17.56
C ALA A 50 -6.60 23.08 -16.76
N VAL A 51 -5.76 22.23 -17.34
CA VAL A 51 -4.61 21.72 -16.60
C VAL A 51 -3.54 22.80 -16.44
N ARG A 52 -2.99 22.89 -15.24
CA ARG A 52 -1.87 23.79 -14.99
C ARG A 52 -0.58 22.99 -14.86
N VAL A 53 0.48 23.48 -15.51
CA VAL A 53 1.78 22.82 -15.44
C VAL A 53 2.69 23.55 -14.47
N VAL A 54 2.92 22.94 -13.30
CA VAL A 54 3.59 23.60 -12.18
C VAL A 54 5.06 23.15 -12.02
N LEU A 55 5.98 24.09 -12.26
CA LEU A 55 7.41 23.85 -12.11
C LEU A 55 7.94 24.43 -10.79
N GLY A 56 8.99 23.84 -10.25
CA GLY A 56 9.61 24.35 -9.03
C GLY A 56 8.83 24.15 -7.73
N ALA A 57 7.92 23.19 -7.72
CA ALA A 57 7.13 22.90 -6.54
C ALA A 57 7.89 21.96 -5.60
N HIS A 58 7.51 21.96 -4.32
CA HIS A 58 8.05 21.01 -3.34
C HIS A 58 6.98 20.52 -2.37
N ASN A 59 6.33 21.49 -1.71
CA ASN A 59 5.27 21.20 -0.76
C ASN A 59 3.91 21.63 -1.33
N LEU A 60 3.02 20.66 -1.57
CA LEU A 60 1.73 20.95 -2.19
C LEU A 60 0.76 21.74 -1.31
N SER A 61 1.14 21.98 -0.07
CA SER A 61 0.22 22.64 0.86
C SER A 61 0.68 24.05 1.21
N ARG A 62 1.78 24.48 0.61
CA ARG A 62 2.32 25.80 0.89
C ARG A 62 2.29 26.69 -0.33
N ARG A 63 2.33 28.00 -0.09
CA ARG A 63 2.49 28.98 -1.16
C ARG A 63 3.97 29.08 -1.48
N GLU A 64 4.35 28.90 -2.74
CA GLU A 64 5.76 28.76 -3.09
C GLU A 64 6.19 29.67 -4.23
N PRO A 65 6.92 30.75 -3.91
CA PRO A 65 7.40 31.75 -4.87
C PRO A 65 8.34 31.17 -5.94
N THR A 66 8.94 30.02 -5.65
CA THR A 66 9.81 29.33 -6.59
C THR A 66 9.07 28.71 -7.78
N ARG A 67 7.75 28.64 -7.69
CA ARG A 67 6.96 28.02 -8.74
C ARG A 67 6.88 28.86 -10.00
N GLN A 68 6.80 28.19 -11.13
CA GLN A 68 6.46 28.82 -12.40
C GLN A 68 5.33 28.00 -12.99
N VAL A 69 4.26 28.66 -13.39
CA VAL A 69 3.06 27.94 -13.78
C VAL A 69 2.73 28.19 -15.24
N PHE A 70 2.50 27.12 -15.99
CA PHE A 70 2.18 27.25 -17.40
C PHE A 70 0.94 26.47 -17.75
N ALA A 71 0.50 26.65 -18.99
CA ALA A 71 -0.65 25.93 -19.50
C ALA A 71 -0.20 25.06 -20.68
N VAL A 72 -1.06 24.14 -21.09
CA VAL A 72 -0.76 23.24 -22.20
C VAL A 72 -1.15 23.89 -23.53
N GLN A 73 -0.21 23.90 -24.47
CA GLN A 73 -0.47 24.50 -25.77
C GLN A 73 -0.66 23.45 -26.87
N ARG A 74 0.20 22.43 -26.90
CA ARG A 74 0.10 21.34 -27.88
C ARG A 74 0.29 19.95 -27.27
N ILE A 75 -0.36 18.96 -27.88
CA ILE A 75 -0.33 17.59 -27.39
C ILE A 75 0.22 16.64 -28.46
N PHE A 76 1.18 15.81 -28.08
CA PHE A 76 1.75 14.81 -28.99
C PHE A 76 1.71 13.41 -28.34
N GLU A 77 1.14 12.46 -29.07
CA GLU A 77 1.13 11.06 -28.65
C GLU A 77 1.49 10.17 -29.82
N ASN A 78 2.19 9.07 -29.57
CA ASN A 78 2.68 8.22 -30.64
C ASN A 78 2.28 6.76 -30.47
N GLY A 79 1.03 6.43 -30.83
CA GLY A 79 0.54 5.07 -30.76
C GLY A 79 0.22 4.61 -29.36
N TYR A 80 -0.32 5.51 -28.55
CA TYR A 80 -0.74 5.19 -27.21
C TYR A 80 -1.89 4.17 -27.23
N ASP A 81 -1.71 3.07 -26.51
CA ASP A 81 -2.70 2.01 -26.39
C ASP A 81 -3.34 2.08 -25.02
N PRO A 82 -4.58 2.59 -24.94
CA PRO A 82 -5.26 2.81 -23.66
C PRO A 82 -5.72 1.50 -22.99
N VAL A 83 -5.71 0.40 -23.72
CA VAL A 83 -6.11 -0.90 -23.18
C VAL A 83 -4.94 -1.61 -22.52
N ASN A 84 -3.85 -1.79 -23.28
CA ASN A 84 -2.66 -2.50 -22.81
C ASN A 84 -1.64 -1.58 -22.15
N LEU A 85 -1.91 -0.28 -22.17
CA LEU A 85 -0.95 0.74 -21.70
C LEU A 85 0.39 0.58 -22.41
N LEU A 86 0.33 0.46 -23.74
CA LEU A 86 1.52 0.54 -24.58
C LEU A 86 1.73 1.98 -25.00
N ASN A 87 3.00 2.38 -25.10
CA ASN A 87 3.38 3.73 -25.46
C ASN A 87 2.67 4.77 -24.61
N ASP A 88 2.69 4.57 -23.28
CA ASP A 88 1.98 5.44 -22.35
C ASP A 88 2.82 6.68 -22.05
N ILE A 89 2.97 7.51 -23.07
CA ILE A 89 3.75 8.72 -23.01
C ILE A 89 3.08 9.83 -23.82
N VAL A 90 3.07 11.03 -23.25
CA VAL A 90 2.55 12.19 -23.94
C VAL A 90 3.55 13.34 -23.80
N ILE A 91 3.73 14.09 -24.88
CA ILE A 91 4.51 15.32 -24.80
C ILE A 91 3.56 16.52 -24.81
N LEU A 92 3.75 17.42 -23.86
CA LEU A 92 2.89 18.59 -23.73
C LEU A 92 3.70 19.88 -23.95
N GLN A 93 3.45 20.55 -25.06
CA GLN A 93 4.06 21.85 -25.31
C GLN A 93 3.39 22.90 -24.43
N LEU A 94 4.21 23.74 -23.81
CA LEU A 94 3.68 24.74 -22.87
C LEU A 94 3.37 26.05 -23.59
N ASN A 95 2.49 26.86 -23.01
CA ASN A 95 2.13 28.14 -23.61
C ASN A 95 3.25 29.18 -23.51
N GLY A 96 4.37 28.80 -22.91
CA GLY A 96 5.51 29.70 -22.80
C GLY A 96 6.75 28.90 -22.43
N SER A 97 7.84 29.60 -22.14
CA SER A 97 9.10 28.95 -21.77
C SER A 97 9.47 29.26 -20.33
N ALA A 98 9.94 28.23 -19.64
CA ALA A 98 10.37 28.37 -18.25
C ALA A 98 11.64 29.18 -18.16
N THR A 99 11.79 29.88 -17.03
CA THR A 99 13.05 30.51 -16.71
C THR A 99 13.93 29.49 -16.00
N ILE A 100 15.00 29.07 -16.68
CA ILE A 100 15.87 28.04 -16.14
C ILE A 100 16.74 28.59 -15.02
N ASN A 101 16.58 28.04 -13.82
CA ASN A 101 17.37 28.46 -12.68
C ASN A 101 17.68 27.27 -11.78
N ALA A 102 18.06 27.56 -10.54
CA ALA A 102 18.44 26.52 -9.61
C ALA A 102 17.28 25.57 -9.30
N ASN A 103 16.06 26.08 -9.35
CA ASN A 103 14.90 25.30 -8.94
C ASN A 103 14.10 24.72 -10.11
N VAL A 104 14.39 25.20 -11.31
CA VAL A 104 13.69 24.78 -12.51
C VAL A 104 14.70 24.44 -13.60
N GLN A 105 14.82 23.15 -13.92
CA GLN A 105 15.85 22.69 -14.84
C GLN A 105 15.34 21.63 -15.79
N VAL A 106 16.03 21.52 -16.90
CA VAL A 106 15.67 20.58 -17.94
C VAL A 106 16.37 19.25 -17.67
N ALA A 107 15.59 18.18 -17.63
CA ALA A 107 16.11 16.83 -17.45
C ALA A 107 17.01 16.39 -18.61
N GLN A 108 17.85 15.41 -18.31
CA GLN A 108 18.69 14.75 -19.30
C GLN A 108 18.09 13.39 -19.62
N LEU A 109 17.97 13.08 -20.90
CA LEU A 109 17.41 11.80 -21.32
C LEU A 109 18.52 10.92 -21.89
N PRO A 110 18.28 9.60 -21.96
CA PRO A 110 19.33 8.75 -22.53
C PRO A 110 19.31 8.72 -24.06
N ALA A 111 20.26 7.97 -24.63
CA ALA A 111 20.29 7.75 -26.07
C ALA A 111 19.19 6.78 -26.50
N GLN A 112 18.74 6.93 -27.73
CA GLN A 112 17.73 6.04 -28.30
C GLN A 112 18.10 4.56 -28.18
N GLY A 113 17.18 3.76 -27.63
CA GLY A 113 17.34 2.31 -27.58
C GLY A 113 18.17 1.80 -26.41
N ARG A 114 18.62 2.71 -25.56
CA ARG A 114 19.46 2.36 -24.41
C ARG A 114 18.68 1.51 -23.39
N ARG A 115 19.24 0.35 -23.01
CA ARG A 115 18.52 -0.58 -22.15
C ARG A 115 19.17 -0.74 -20.78
N LEU A 116 18.33 -0.81 -19.75
CA LEU A 116 18.81 -1.04 -18.40
C LEU A 116 18.61 -2.50 -18.02
N GLY A 117 19.68 -3.13 -17.55
CA GLY A 117 19.58 -4.54 -17.16
C GLY A 117 19.14 -4.73 -15.73
N ASN A 118 18.82 -5.97 -15.37
CA ASN A 118 18.44 -6.30 -13.99
C ASN A 118 19.48 -5.83 -12.97
N GLY A 119 19.01 -5.31 -11.84
CA GLY A 119 19.91 -4.93 -10.76
C GLY A 119 20.34 -3.48 -10.73
N VAL A 120 20.22 -2.76 -11.85
CA VAL A 120 20.57 -1.35 -11.88
C VAL A 120 19.75 -0.55 -10.85
N GLN A 121 20.43 0.36 -10.14
CA GLN A 121 19.82 1.16 -9.07
C GLN A 121 19.27 2.51 -9.55
N CYS A 122 18.00 2.76 -9.27
CA CYS A 122 17.34 3.97 -9.73
C CYS A 122 16.63 4.69 -8.59
N LEU A 123 16.10 5.86 -8.93
CA LEU A 123 15.37 6.66 -7.99
C LEU A 123 14.02 7.06 -8.60
N ALA A 124 12.94 6.63 -7.94
CA ALA A 124 11.60 7.05 -8.31
C ALA A 124 11.15 8.17 -7.39
N MET A 125 10.18 8.96 -7.83
CA MET A 125 9.77 10.14 -7.08
C MET A 125 8.34 10.51 -7.46
N GLY A 126 7.69 11.32 -6.65
CA GLY A 126 6.32 11.75 -6.94
C GLY A 126 5.56 12.24 -5.71
N TRP A 127 4.40 12.84 -5.95
CA TRP A 127 3.55 13.29 -4.86
C TRP A 127 2.37 12.35 -4.58
N GLY A 128 2.45 11.11 -5.07
CA GLY A 128 1.35 10.16 -4.93
C GLY A 128 1.02 9.64 -3.54
N LEU A 129 0.14 8.65 -3.48
CA LEU A 129 -0.30 8.08 -2.20
C LEU A 129 0.85 7.54 -1.35
N LEU A 130 0.79 7.88 -0.07
CA LEU A 130 1.80 7.45 0.91
C LEU A 130 1.56 6.03 1.42
N GLY A 131 0.42 5.46 1.08
CA GLY A 131 0.03 4.15 1.57
C GLY A 131 -1.48 4.04 1.60
N ARG A 132 -1.99 2.88 2.01
CA ARG A 132 -3.44 2.68 2.08
C ARG A 132 -4.07 3.59 3.13
N ASN A 133 -5.13 4.29 2.72
CA ASN A 133 -5.88 5.20 3.59
C ASN A 133 -5.01 6.32 4.17
N ARG A 134 -4.01 6.76 3.41
CA ARG A 134 -3.11 7.80 3.89
C ARG A 134 -3.09 9.07 3.05
N GLY A 135 -3.63 9.00 1.84
CA GLY A 135 -3.71 10.18 1.00
C GLY A 135 -2.42 10.53 0.27
N ILE A 136 -2.52 11.45 -0.69
CA ILE A 136 -1.35 11.85 -1.47
C ILE A 136 -0.45 12.72 -0.61
N ALA A 137 0.84 12.73 -0.92
CA ALA A 137 1.84 13.43 -0.10
C ALA A 137 1.93 14.92 -0.42
N SER A 138 2.02 15.74 0.62
CA SER A 138 2.21 17.17 0.47
C SER A 138 3.62 17.43 -0.03
N VAL A 139 4.58 16.73 0.57
CA VAL A 139 6.01 16.91 0.29
C VAL A 139 6.49 15.88 -0.72
N LEU A 140 7.23 16.33 -1.73
CA LEU A 140 7.76 15.44 -2.77
C LEU A 140 8.54 14.28 -2.14
N GLN A 141 8.22 13.06 -2.58
CA GLN A 141 8.83 11.83 -2.05
C GLN A 141 9.78 11.21 -3.05
N GLU A 142 10.76 10.46 -2.56
CA GLU A 142 11.66 9.72 -3.43
C GLU A 142 11.86 8.32 -2.85
N LEU A 143 12.30 7.40 -3.71
CA LEU A 143 12.34 5.98 -3.35
C LEU A 143 13.40 5.25 -4.17
N ASN A 144 14.39 4.70 -3.48
CA ASN A 144 15.39 3.84 -4.12
C ASN A 144 14.72 2.57 -4.63
N VAL A 145 14.83 2.32 -5.94
CA VAL A 145 14.24 1.13 -6.51
C VAL A 145 15.28 0.41 -7.35
N THR A 146 14.98 -0.83 -7.73
CA THR A 146 15.92 -1.62 -8.51
C THR A 146 15.25 -2.17 -9.77
N VAL A 147 15.88 -1.97 -10.92
CA VAL A 147 15.38 -2.50 -12.18
C VAL A 147 15.29 -4.00 -12.13
N VAL A 148 14.18 -4.56 -12.58
CA VAL A 148 14.04 -6.00 -12.72
C VAL A 148 13.49 -6.35 -14.09
N THR A 149 13.70 -7.59 -14.53
CA THR A 149 13.22 -8.01 -15.83
C THR A 149 12.21 -9.15 -15.73
N SER A 150 12.01 -9.67 -14.53
CA SER A 150 10.92 -10.61 -14.27
C SER A 150 9.60 -9.87 -14.19
N LEU A 151 8.55 -10.47 -14.75
CA LEU A 151 7.20 -9.92 -14.69
C LEU A 151 7.11 -8.55 -15.37
N CYS A 152 7.98 -8.34 -16.35
CA CYS A 152 8.04 -7.08 -17.09
C CYS A 152 7.99 -7.34 -18.59
N ARG A 153 7.16 -6.59 -19.31
CA ARG A 153 7.12 -6.66 -20.77
C ARG A 153 8.37 -5.98 -21.35
N ARG A 154 8.80 -6.41 -22.53
CA ARG A 154 9.93 -5.77 -23.20
C ARG A 154 9.62 -4.29 -23.51
N SER A 155 8.34 -3.94 -23.57
CA SER A 155 7.93 -2.57 -23.86
C SER A 155 7.78 -1.69 -22.60
N ASN A 156 8.27 -2.17 -21.47
CA ASN A 156 8.31 -1.37 -20.25
C ASN A 156 9.69 -1.44 -19.60
N VAL A 157 9.98 -0.49 -18.73
CA VAL A 157 11.04 -0.62 -17.73
C VAL A 157 10.34 -0.87 -16.39
N CYS A 158 10.72 -1.95 -15.72
CA CYS A 158 10.06 -2.33 -14.47
C CYS A 158 11.02 -2.26 -13.28
N THR A 159 10.48 -1.91 -12.13
CA THR A 159 11.28 -1.80 -10.91
C THR A 159 10.60 -2.47 -9.70
N LEU A 160 11.39 -2.80 -8.71
CA LEU A 160 10.86 -3.45 -7.52
C LEU A 160 11.71 -3.03 -6.35
N VAL A 161 11.10 -2.88 -5.18
CA VAL A 161 11.91 -2.67 -3.99
C VAL A 161 12.04 -4.01 -3.27
N ARG A 162 13.28 -4.42 -3.05
CA ARG A 162 13.57 -5.70 -2.42
C ARG A 162 13.48 -5.64 -0.89
N GLY A 163 12.80 -6.62 -0.31
CA GLY A 163 12.84 -6.79 1.14
C GLY A 163 11.67 -6.19 1.91
N ARG A 164 10.87 -5.37 1.25
CA ARG A 164 9.73 -4.74 1.92
C ARG A 164 8.72 -4.25 0.88
N GLN A 165 7.52 -3.95 1.34
CA GLN A 165 6.46 -3.45 0.48
C GLN A 165 6.64 -1.95 0.22
N ALA A 166 7.02 -1.61 -1.01
CA ALA A 166 7.22 -0.23 -1.39
C ALA A 166 7.07 -0.05 -2.90
N GLY A 167 6.64 1.11 -3.32
CA GLY A 167 6.47 1.36 -4.73
C GLY A 167 5.75 2.65 -4.99
N VAL A 168 5.52 2.95 -6.27
CA VAL A 168 4.74 4.12 -6.64
C VAL A 168 3.27 3.79 -6.48
N CYS A 169 2.44 4.83 -6.41
CA CYS A 169 1.02 4.63 -6.20
C CYS A 169 0.23 5.68 -6.97
N PHE A 170 -1.06 5.78 -6.67
CA PHE A 170 -1.90 6.78 -7.34
C PHE A 170 -1.36 8.18 -7.08
N GLY A 171 -1.23 8.97 -8.14
CA GLY A 171 -0.70 10.32 -8.05
C GLY A 171 0.74 10.42 -8.52
N ASP A 172 1.42 9.27 -8.58
CA ASP A 172 2.81 9.21 -9.00
C ASP A 172 2.93 9.06 -10.52
N SER A 173 1.86 8.59 -11.16
CA SER A 173 1.82 8.38 -12.60
C SER A 173 2.30 9.62 -13.35
N GLY A 174 3.15 9.42 -14.35
CA GLY A 174 3.72 10.53 -15.09
C GLY A 174 5.08 11.00 -14.58
N SER A 175 5.41 10.60 -13.35
CA SER A 175 6.64 11.04 -12.69
C SER A 175 7.87 10.30 -13.21
N PRO A 176 9.01 11.01 -13.27
CA PRO A 176 10.23 10.46 -13.84
C PRO A 176 10.79 9.30 -13.03
N LEU A 177 11.38 8.33 -13.71
CA LEU A 177 12.27 7.36 -13.11
C LEU A 177 13.69 7.77 -13.49
N VAL A 178 14.52 8.03 -12.49
CA VAL A 178 15.89 8.50 -12.71
C VAL A 178 16.93 7.40 -12.45
N CYS A 179 17.76 7.12 -13.46
CA CYS A 179 18.83 6.14 -13.30
C CYS A 179 20.13 6.73 -13.81
N ASN A 180 21.13 6.76 -12.93
CA ASN A 180 22.42 7.36 -13.25
C ASN A 180 22.28 8.74 -13.90
N GLY A 181 21.40 9.56 -13.33
CA GLY A 181 21.27 10.95 -13.75
C GLY A 181 20.41 11.19 -14.97
N LEU A 182 19.91 10.11 -15.58
CA LEU A 182 19.09 10.23 -16.78
C LEU A 182 17.67 9.73 -16.51
N ILE A 183 16.68 10.32 -17.19
CA ILE A 183 15.29 9.89 -17.07
C ILE A 183 15.01 8.68 -17.99
N HIS A 184 14.88 7.51 -17.40
CA HIS A 184 14.67 6.28 -18.17
C HIS A 184 13.21 5.82 -18.13
N GLY A 185 12.41 6.40 -17.23
CA GLY A 185 11.05 5.96 -17.08
C GLY A 185 10.02 7.02 -16.77
N ILE A 186 8.79 6.75 -17.16
CA ILE A 186 7.60 7.50 -16.75
C ILE A 186 6.63 6.53 -16.09
N ALA A 187 6.30 6.79 -14.83
CA ALA A 187 5.45 5.88 -14.06
C ALA A 187 4.14 5.61 -14.78
N SER A 188 3.87 4.34 -15.06
CA SER A 188 2.75 4.02 -15.94
C SER A 188 1.67 3.21 -15.23
N PHE A 189 2.03 2.09 -14.61
CA PHE A 189 1.04 1.30 -13.89
C PHE A 189 1.60 0.33 -12.85
N VAL A 190 0.74 -0.02 -11.90
CA VAL A 190 1.05 -1.02 -10.88
C VAL A 190 0.18 -2.27 -11.10
N ARG A 191 0.53 -3.36 -10.43
CA ARG A 191 -0.24 -4.61 -10.52
C ARG A 191 -0.35 -5.25 -9.13
N GLY A 192 -1.52 -5.79 -8.83
CA GLY A 192 -1.79 -6.38 -7.54
C GLY A 192 -1.93 -5.32 -6.46
N GLY A 193 -2.33 -4.12 -6.88
CA GLY A 193 -2.39 -2.98 -5.98
C GLY A 193 -1.01 -2.38 -5.75
N CYS A 194 -0.98 -1.15 -5.24
CA CYS A 194 0.27 -0.45 -4.92
C CYS A 194 1.09 -1.23 -3.88
N ALA A 195 2.42 -1.14 -3.99
CA ALA A 195 3.35 -1.69 -3.01
C ALA A 195 3.03 -3.13 -2.59
N SER A 196 2.69 -3.95 -3.57
CA SER A 196 2.31 -5.33 -3.31
C SER A 196 3.48 -6.20 -2.85
N GLY A 197 4.70 -5.76 -3.15
CA GLY A 197 5.89 -6.53 -2.82
C GLY A 197 6.06 -7.74 -3.73
N LEU A 198 5.15 -7.88 -4.69
CA LEU A 198 5.13 -9.03 -5.61
C LEU A 198 5.29 -8.64 -7.08
N TYR A 199 4.50 -7.67 -7.54
CA TYR A 199 4.59 -7.18 -8.91
C TYR A 199 5.46 -5.94 -8.98
N PRO A 200 6.38 -5.90 -9.94
CA PRO A 200 7.19 -4.70 -10.14
C PRO A 200 6.37 -3.54 -10.65
N ASP A 201 6.78 -2.30 -10.37
CA ASP A 201 6.14 -1.12 -10.95
C ASP A 201 6.55 -0.99 -12.42
N ALA A 202 5.63 -0.57 -13.28
CA ALA A 202 5.96 -0.44 -14.71
C ALA A 202 6.08 1.02 -15.13
N PHE A 203 7.13 1.30 -15.89
CA PHE A 203 7.38 2.63 -16.40
C PHE A 203 7.40 2.61 -17.92
N ALA A 204 6.87 3.66 -18.54
CA ALA A 204 7.07 3.81 -19.97
C ALA A 204 8.58 3.96 -20.22
N PRO A 205 9.09 3.23 -21.23
CA PRO A 205 10.53 3.18 -21.54
C PRO A 205 11.00 4.36 -22.37
N VAL A 206 11.39 5.43 -21.68
CA VAL A 206 11.75 6.70 -22.34
C VAL A 206 12.79 6.54 -23.47
N ALA A 207 13.77 5.68 -23.25
CA ALA A 207 14.85 5.45 -24.21
C ALA A 207 14.34 4.98 -25.58
N GLN A 208 13.20 4.30 -25.60
CA GLN A 208 12.63 3.80 -26.86
C GLN A 208 11.94 4.89 -27.66
N PHE A 209 11.79 6.06 -27.07
CA PHE A 209 11.02 7.15 -27.69
C PHE A 209 11.86 8.40 -27.95
N VAL A 210 13.17 8.28 -27.84
CA VAL A 210 14.08 9.43 -27.85
C VAL A 210 14.15 10.16 -29.19
N ASN A 211 14.18 9.39 -30.28
CA ASN A 211 14.13 9.99 -31.61
C ASN A 211 12.83 10.75 -31.81
N TRP A 212 11.73 10.16 -31.38
CA TRP A 212 10.43 10.81 -31.52
C TRP A 212 10.39 12.10 -30.68
N ILE A 213 10.88 12.02 -29.44
CA ILE A 213 10.89 13.19 -28.56
C ILE A 213 11.69 14.35 -29.15
N ASP A 214 12.89 14.02 -29.63
CA ASP A 214 13.76 15.01 -30.25
C ASP A 214 13.13 15.66 -31.49
N SER A 215 12.40 14.88 -32.28
CA SER A 215 11.78 15.41 -33.49
C SER A 215 10.69 16.43 -33.14
N ILE A 216 10.22 16.41 -31.90
CA ILE A 216 9.21 17.37 -31.45
C ILE A 216 9.84 18.58 -30.74
N ILE A 217 10.71 18.32 -29.76
CA ILE A 217 11.28 19.42 -28.97
C ILE A 217 12.54 20.00 -29.61
N GLN A 218 12.98 19.38 -30.71
CA GLN A 218 14.17 19.77 -31.47
C GLN A 218 15.45 19.83 -30.63
N ILE B 1 22.86 -32.41 0.23
CA ILE B 1 23.62 -31.61 1.18
C ILE B 1 24.17 -32.45 2.33
N VAL B 2 25.49 -32.56 2.38
CA VAL B 2 26.16 -33.27 3.46
C VAL B 2 26.58 -32.31 4.56
N GLY B 3 26.15 -32.59 5.79
CA GLY B 3 26.58 -31.84 6.96
C GLY B 3 25.79 -30.58 7.23
N GLY B 4 24.58 -30.52 6.70
CA GLY B 4 23.76 -29.32 6.81
C GLY B 4 22.65 -29.47 7.83
N ARG B 5 21.66 -28.60 7.73
CA ARG B 5 20.49 -28.68 8.60
C ARG B 5 19.23 -28.71 7.77
N ARG B 6 18.13 -29.09 8.38
CA ARG B 6 16.85 -29.00 7.71
C ARG B 6 16.43 -27.55 7.61
N ALA B 7 15.82 -27.21 6.47
CA ALA B 7 15.31 -25.88 6.26
C ALA B 7 13.93 -25.80 6.86
N ARG B 8 13.54 -24.61 7.31
CA ARG B 8 12.19 -24.43 7.80
C ARG B 8 11.25 -24.60 6.62
N PRO B 9 10.05 -25.14 6.86
CA PRO B 9 9.06 -25.32 5.80
C PRO B 9 8.87 -24.06 4.96
N HIS B 10 9.18 -24.16 3.67
CA HIS B 10 8.94 -23.09 2.71
C HIS B 10 9.73 -21.83 3.03
N ALA B 11 10.89 -21.97 3.65
CA ALA B 11 11.74 -20.81 3.92
C ALA B 11 12.27 -20.19 2.63
N TRP B 12 12.44 -21.02 1.60
CA TRP B 12 13.02 -20.56 0.34
C TRP B 12 12.09 -20.86 -0.84
N PRO B 13 11.04 -20.04 -0.98
CA PRO B 13 9.90 -20.32 -1.88
C PRO B 13 10.23 -20.27 -3.38
N PHE B 14 11.46 -19.91 -3.73
CA PHE B 14 11.92 -19.89 -5.13
C PHE B 14 12.57 -21.23 -5.48
N MET B 15 12.67 -22.09 -4.47
CA MET B 15 13.32 -23.39 -4.59
C MET B 15 12.46 -24.35 -5.38
N VAL B 16 13.07 -24.96 -6.39
CA VAL B 16 12.34 -25.78 -7.36
C VAL B 16 12.91 -27.20 -7.37
N SER B 17 12.04 -28.20 -7.47
CA SER B 17 12.48 -29.58 -7.64
C SER B 17 12.15 -30.06 -9.05
N LEU B 18 13.15 -30.57 -9.76
CA LEU B 18 12.90 -31.14 -11.09
C LEU B 18 12.71 -32.64 -10.92
N GLN B 19 11.61 -33.16 -11.45
CA GLN B 19 11.25 -34.53 -11.16
C GLN B 19 10.97 -35.37 -12.40
N LEU B 20 11.33 -36.64 -12.31
CA LEU B 20 11.01 -37.63 -13.32
C LEU B 20 10.22 -38.75 -12.69
N ARG B 21 8.98 -38.94 -13.14
CA ARG B 21 8.10 -39.96 -12.57
C ARG B 21 7.84 -39.71 -11.08
N GLY B 22 7.63 -38.44 -10.72
CA GLY B 22 7.42 -38.08 -9.33
C GLY B 22 8.67 -38.18 -8.49
N GLY B 23 9.83 -38.35 -9.14
CA GLY B 23 11.09 -38.48 -8.45
C GLY B 23 12.10 -37.35 -8.69
N HIS B 24 12.49 -36.68 -7.60
CA HIS B 24 13.45 -35.57 -7.67
C HIS B 24 14.81 -36.01 -8.21
N PHE B 25 15.36 -35.28 -9.16
CA PHE B 25 16.70 -35.59 -9.64
C PHE B 25 17.65 -34.38 -9.68
N CYS B 26 17.08 -33.17 -9.70
CA CYS B 26 17.87 -31.94 -9.74
C CYS B 26 17.08 -30.80 -9.12
N GLY B 27 17.77 -29.80 -8.60
CA GLY B 27 17.11 -28.56 -8.20
C GLY B 27 17.06 -27.54 -9.31
N ALA B 28 16.37 -26.44 -9.04
CA ALA B 28 16.32 -25.27 -9.92
C ALA B 28 15.84 -24.07 -9.12
N THR B 29 15.79 -22.90 -9.76
CA THR B 29 15.34 -21.68 -9.12
C THR B 29 14.29 -21.00 -9.98
N LEU B 30 13.24 -20.51 -9.34
CA LEU B 30 12.20 -19.73 -10.03
C LEU B 30 12.66 -18.29 -10.26
N ILE B 31 12.81 -17.88 -11.52
CA ILE B 31 13.31 -16.53 -11.81
C ILE B 31 12.24 -15.68 -12.51
N ALA B 32 11.09 -16.30 -12.74
CA ALA B 32 9.90 -15.61 -13.23
C ALA B 32 8.75 -16.59 -13.03
N PRO B 33 7.50 -16.11 -13.06
CA PRO B 33 6.39 -17.05 -12.89
C PRO B 33 6.40 -18.19 -13.91
N ASN B 34 6.95 -17.96 -15.09
CA ASN B 34 7.02 -19.01 -16.13
C ASN B 34 8.44 -19.35 -16.59
N PHE B 35 9.44 -19.13 -15.73
CA PHE B 35 10.84 -19.46 -16.06
C PHE B 35 11.57 -19.99 -14.83
N VAL B 36 12.33 -21.07 -15.01
CA VAL B 36 13.27 -21.48 -13.97
C VAL B 36 14.65 -21.56 -14.59
N MET B 37 15.68 -21.51 -13.76
CA MET B 37 17.02 -21.80 -14.25
C MET B 37 17.62 -22.92 -13.45
N SER B 38 18.46 -23.70 -14.11
CA SER B 38 19.04 -24.88 -13.51
C SER B 38 20.42 -25.11 -14.13
N ALA B 39 21.03 -26.24 -13.82
CA ALA B 39 22.28 -26.61 -14.46
C ALA B 39 21.99 -27.34 -15.77
N ALA B 40 22.72 -26.97 -16.83
CA ALA B 40 22.47 -27.55 -18.15
C ALA B 40 22.71 -29.06 -18.16
N HIS B 41 23.65 -29.54 -17.36
CA HIS B 41 23.99 -30.96 -17.35
C HIS B 41 22.92 -31.81 -16.69
N CYS B 42 21.99 -31.15 -16.00
CA CYS B 42 20.87 -31.84 -15.37
C CYS B 42 19.85 -32.31 -16.40
N VAL B 43 19.74 -31.57 -17.51
CA VAL B 43 18.71 -31.90 -18.50
C VAL B 43 19.34 -32.54 -19.73
N ALA B 44 20.66 -32.66 -19.73
CA ALA B 44 21.35 -33.45 -20.76
C ALA B 44 21.03 -34.92 -20.54
N ASN B 45 20.92 -35.68 -21.61
CA ASN B 45 20.61 -37.12 -21.49
C ASN B 45 19.37 -37.42 -20.64
N VAL B 46 18.38 -36.56 -20.74
CA VAL B 46 17.09 -36.76 -20.06
C VAL B 46 15.96 -36.36 -21.00
N ASN B 47 14.88 -37.12 -21.00
CA ASN B 47 13.70 -36.75 -21.77
C ASN B 47 12.99 -35.55 -21.16
N VAL B 48 13.26 -34.36 -21.69
CA VAL B 48 12.76 -33.12 -21.08
C VAL B 48 11.23 -32.98 -21.18
N ARG B 49 10.63 -33.71 -22.10
CA ARG B 49 9.19 -33.71 -22.24
C ARG B 49 8.52 -34.40 -21.05
N ALA B 50 9.25 -35.28 -20.37
CA ALA B 50 8.72 -35.99 -19.20
C ALA B 50 9.07 -35.29 -17.87
N VAL B 51 9.93 -34.29 -17.92
CA VAL B 51 10.32 -33.60 -16.69
C VAL B 51 9.16 -32.77 -16.14
N ARG B 52 8.98 -32.81 -14.84
CA ARG B 52 8.00 -31.94 -14.22
C ARG B 52 8.68 -30.96 -13.27
N VAL B 53 8.19 -29.74 -13.28
CA VAL B 53 8.76 -28.64 -12.54
C VAL B 53 7.85 -28.40 -11.35
N VAL B 54 8.36 -28.75 -10.17
CA VAL B 54 7.56 -28.75 -8.96
C VAL B 54 7.94 -27.63 -8.02
N LEU B 55 7.06 -26.64 -7.94
CA LEU B 55 7.25 -25.48 -7.08
C LEU B 55 6.54 -25.71 -5.76
N GLY B 56 7.02 -25.05 -4.70
CA GLY B 56 6.34 -25.06 -3.42
C GLY B 56 6.48 -26.33 -2.63
N ALA B 57 7.48 -27.15 -2.99
CA ALA B 57 7.74 -28.40 -2.28
C ALA B 57 8.61 -28.18 -1.05
N HIS B 58 8.50 -29.09 -0.09
CA HIS B 58 9.33 -29.11 1.11
C HIS B 58 9.77 -30.54 1.45
N ASN B 59 8.79 -31.43 1.56
CA ASN B 59 9.07 -32.82 1.91
C ASN B 59 8.78 -33.76 0.74
N LEU B 60 9.84 -34.39 0.23
CA LEU B 60 9.73 -35.25 -0.95
C LEU B 60 8.87 -36.50 -0.74
N SER B 61 8.63 -36.87 0.52
CA SER B 61 7.88 -38.11 0.78
C SER B 61 6.44 -37.84 1.23
N ARG B 62 6.02 -36.59 1.16
CA ARG B 62 4.66 -36.22 1.54
C ARG B 62 3.87 -35.65 0.38
N ARG B 63 2.56 -35.87 0.40
CA ARG B 63 1.67 -35.16 -0.52
C ARG B 63 1.58 -33.74 0.00
N GLU B 64 1.76 -32.76 -0.88
CA GLU B 64 1.83 -31.37 -0.44
C GLU B 64 0.96 -30.47 -1.32
N PRO B 65 -0.21 -30.08 -0.80
CA PRO B 65 -1.16 -29.21 -1.54
C PRO B 65 -0.55 -27.87 -1.94
N THR B 66 0.53 -27.47 -1.27
CA THR B 66 1.19 -26.20 -1.58
C THR B 66 1.89 -26.23 -2.94
N ARG B 67 2.22 -27.42 -3.40
CA ARG B 67 2.94 -27.58 -4.67
C ARG B 67 2.16 -27.07 -5.88
N GLN B 68 2.90 -26.61 -6.89
CA GLN B 68 2.38 -26.30 -8.21
C GLN B 68 3.28 -27.00 -9.22
N VAL B 69 2.69 -27.67 -10.20
CA VAL B 69 3.45 -28.49 -11.15
C VAL B 69 3.34 -28.00 -12.57
N PHE B 70 4.49 -27.78 -13.21
CA PHE B 70 4.51 -27.33 -14.60
C PHE B 70 5.35 -28.25 -15.48
N ALA B 71 5.20 -28.14 -16.79
CA ALA B 71 6.07 -28.88 -17.71
C ALA B 71 7.03 -27.88 -18.38
N VAL B 72 7.98 -28.42 -19.13
CA VAL B 72 8.94 -27.57 -19.84
C VAL B 72 8.43 -27.20 -21.23
N GLN B 73 8.41 -25.91 -21.53
CA GLN B 73 7.95 -25.45 -22.83
C GLN B 73 9.09 -25.08 -23.78
N ARG B 74 10.08 -24.34 -23.28
CA ARG B 74 11.24 -23.95 -24.10
C ARG B 74 12.57 -24.08 -23.36
N ILE B 75 13.65 -24.26 -24.12
CA ILE B 75 14.98 -24.49 -23.56
C ILE B 75 16.01 -23.52 -24.14
N PHE B 76 16.79 -22.88 -23.26
CA PHE B 76 17.83 -21.97 -23.69
C PHE B 76 19.16 -22.35 -23.06
N GLU B 77 20.20 -22.47 -23.88
CA GLU B 77 21.55 -22.74 -23.40
C GLU B 77 22.53 -21.84 -24.11
N ASN B 78 23.53 -21.35 -23.38
CA ASN B 78 24.46 -20.39 -23.94
C ASN B 78 25.91 -20.84 -23.83
N GLY B 79 26.30 -21.80 -24.67
CA GLY B 79 27.69 -22.19 -24.77
C GLY B 79 28.06 -23.18 -23.69
N TYR B 80 27.11 -24.02 -23.33
CA TYR B 80 27.35 -25.07 -22.37
C TYR B 80 28.43 -26.05 -22.89
N ASP B 81 29.51 -26.18 -22.11
CA ASP B 81 30.57 -27.14 -22.43
C ASP B 81 30.39 -28.36 -21.56
N PRO B 82 29.96 -29.48 -22.16
CA PRO B 82 29.69 -30.69 -21.38
C PRO B 82 30.95 -31.42 -20.92
N VAL B 83 32.11 -31.10 -21.48
CA VAL B 83 33.34 -31.76 -21.03
C VAL B 83 33.91 -31.09 -19.79
N ASN B 84 34.00 -29.75 -19.82
CA ASN B 84 34.61 -28.99 -18.74
C ASN B 84 33.60 -28.38 -17.77
N LEU B 85 32.31 -28.54 -18.09
CA LEU B 85 31.21 -27.92 -17.34
C LEU B 85 31.37 -26.40 -17.27
N LEU B 86 31.79 -25.81 -18.38
CA LEU B 86 31.72 -24.37 -18.53
C LEU B 86 30.30 -23.97 -18.96
N ASN B 87 29.82 -22.85 -18.44
CA ASN B 87 28.47 -22.35 -18.75
C ASN B 87 27.37 -23.38 -18.47
N ASP B 88 27.46 -23.97 -17.29
CA ASP B 88 26.56 -25.03 -16.85
C ASP B 88 25.26 -24.40 -16.35
N ILE B 89 24.49 -23.89 -17.29
CA ILE B 89 23.25 -23.19 -17.00
C ILE B 89 22.26 -23.37 -18.15
N VAL B 90 21.00 -23.58 -17.78
CA VAL B 90 19.93 -23.70 -18.76
C VAL B 90 18.75 -22.88 -18.27
N ILE B 91 18.08 -22.17 -19.17
CA ILE B 91 16.82 -21.53 -18.81
C ILE B 91 15.66 -22.38 -19.36
N LEU B 92 14.67 -22.60 -18.50
CA LEU B 92 13.51 -23.40 -18.86
C LEU B 92 12.25 -22.56 -18.78
N GLN B 93 11.64 -22.29 -19.92
CA GLN B 93 10.33 -21.65 -19.93
C GLN B 93 9.30 -22.72 -19.63
N LEU B 94 8.35 -22.38 -18.75
CA LEU B 94 7.30 -23.32 -18.35
C LEU B 94 6.10 -23.21 -19.29
N ASN B 95 5.24 -24.24 -19.27
CA ASN B 95 4.02 -24.27 -20.06
C ASN B 95 2.94 -23.34 -19.50
N GLY B 96 3.26 -22.62 -18.44
CA GLY B 96 2.33 -21.68 -17.85
C GLY B 96 2.99 -20.84 -16.76
N SER B 97 2.22 -20.00 -16.09
CA SER B 97 2.77 -19.11 -15.07
C SER B 97 2.40 -19.55 -13.67
N ALA B 98 3.35 -19.46 -12.75
CA ALA B 98 3.08 -19.83 -11.36
C ALA B 98 2.15 -18.83 -10.71
N THR B 99 1.41 -19.31 -9.72
CA THR B 99 0.66 -18.41 -8.85
C THR B 99 1.57 -18.08 -7.65
N ILE B 100 1.94 -16.81 -7.54
CA ILE B 100 2.87 -16.40 -6.51
C ILE B 100 2.16 -16.24 -5.15
N ASN B 101 2.68 -16.93 -4.15
CA ASN B 101 2.14 -16.82 -2.80
C ASN B 101 3.23 -17.03 -1.77
N ALA B 102 2.83 -17.35 -0.55
CA ALA B 102 3.78 -17.50 0.54
C ALA B 102 4.79 -18.63 0.27
N ASN B 103 4.36 -19.68 -0.43
CA ASN B 103 5.21 -20.84 -0.63
C ASN B 103 5.86 -20.92 -2.01
N VAL B 104 5.47 -20.02 -2.91
CA VAL B 104 6.01 -19.98 -4.27
C VAL B 104 6.31 -18.54 -4.68
N GLN B 105 7.60 -18.21 -4.79
CA GLN B 105 8.02 -16.85 -5.10
C GLN B 105 9.18 -16.81 -6.10
N VAL B 106 9.38 -15.64 -6.69
CA VAL B 106 10.48 -15.37 -7.60
C VAL B 106 11.76 -14.94 -6.87
N ALA B 107 12.88 -15.53 -7.25
CA ALA B 107 14.20 -15.15 -6.74
C ALA B 107 14.68 -13.80 -7.29
N GLN B 108 15.53 -13.12 -6.52
CA GLN B 108 16.21 -11.92 -7.01
C GLN B 108 17.61 -12.29 -7.52
N LEU B 109 17.99 -11.74 -8.66
CA LEU B 109 19.28 -12.01 -9.24
C LEU B 109 20.15 -10.76 -9.16
N PRO B 110 21.48 -10.93 -9.16
CA PRO B 110 22.39 -9.79 -9.12
C PRO B 110 22.43 -9.07 -10.47
N ALA B 111 23.09 -7.90 -10.49
CA ALA B 111 23.38 -7.22 -11.75
C ALA B 111 24.48 -7.97 -12.49
N GLN B 112 24.47 -7.86 -13.81
CA GLN B 112 25.51 -8.44 -14.65
C GLN B 112 26.93 -8.08 -14.19
N GLY B 113 27.81 -9.08 -14.11
CA GLY B 113 29.23 -8.85 -13.86
C GLY B 113 29.63 -8.75 -12.40
N ARG B 114 28.64 -8.63 -11.52
CA ARG B 114 28.88 -8.66 -10.09
C ARG B 114 29.74 -9.87 -9.68
N ARG B 115 30.80 -9.62 -8.93
CA ARG B 115 31.70 -10.70 -8.47
C ARG B 115 31.78 -10.67 -6.95
N LEU B 116 31.71 -11.86 -6.32
CA LEU B 116 31.79 -11.97 -4.86
C LEU B 116 33.20 -12.26 -4.40
N GLY B 117 33.64 -11.54 -3.38
CA GLY B 117 34.99 -11.72 -2.89
C GLY B 117 35.09 -12.87 -1.91
N ASN B 118 36.33 -13.30 -1.68
CA ASN B 118 36.64 -14.35 -0.72
C ASN B 118 36.05 -14.03 0.65
N GLY B 119 35.46 -15.03 1.31
CA GLY B 119 34.95 -14.83 2.65
C GLY B 119 33.48 -14.43 2.77
N VAL B 120 32.84 -14.10 1.66
CA VAL B 120 31.41 -13.76 1.69
C VAL B 120 30.60 -14.98 2.17
N GLN B 121 29.69 -14.76 3.09
CA GLN B 121 28.91 -15.86 3.67
C GLN B 121 27.62 -16.13 2.91
N CYS B 122 27.47 -17.36 2.43
CA CYS B 122 26.30 -17.72 1.64
C CYS B 122 25.58 -18.96 2.18
N LEU B 123 24.41 -19.23 1.61
CA LEU B 123 23.63 -20.38 2.00
C LEU B 123 23.43 -21.28 0.79
N ALA B 124 23.87 -22.52 0.91
CA ALA B 124 23.58 -23.54 -0.10
C ALA B 124 22.36 -24.35 0.36
N MET B 125 21.68 -24.99 -0.58
CA MET B 125 20.45 -25.72 -0.28
C MET B 125 20.13 -26.76 -1.37
N GLY B 126 19.23 -27.69 -1.05
CA GLY B 126 18.82 -28.72 -2.00
C GLY B 126 18.46 -30.06 -1.38
N TRP B 127 17.94 -30.96 -2.19
CA TRP B 127 17.52 -32.27 -1.74
C TRP B 127 18.53 -33.37 -2.05
N GLY B 128 19.80 -33.03 -2.16
CA GLY B 128 20.82 -34.02 -2.47
C GLY B 128 21.12 -35.03 -1.38
N LEU B 129 22.02 -35.97 -1.70
CA LEU B 129 22.49 -36.98 -0.76
C LEU B 129 22.92 -36.37 0.57
N LEU B 130 22.51 -37.02 1.65
CA LEU B 130 22.85 -36.59 3.01
C LEU B 130 24.23 -37.08 3.41
N GLY B 131 24.83 -37.92 2.57
CA GLY B 131 26.14 -38.46 2.87
C GLY B 131 26.34 -39.85 2.28
N ARG B 132 27.45 -40.49 2.66
CA ARG B 132 27.76 -41.83 2.21
C ARG B 132 26.73 -42.85 2.72
N ASN B 133 26.10 -43.57 1.78
CA ASN B 133 25.13 -44.63 2.07
C ASN B 133 23.86 -44.14 2.73
N ARG B 134 23.53 -42.86 2.56
CA ARG B 134 22.38 -42.27 3.24
C ARG B 134 21.25 -41.86 2.30
N GLY B 135 21.57 -41.72 1.01
CA GLY B 135 20.55 -41.40 0.03
C GLY B 135 19.99 -39.98 0.08
N ILE B 136 19.17 -39.65 -0.93
CA ILE B 136 18.50 -38.35 -1.07
C ILE B 136 17.79 -37.89 0.22
N ALA B 137 17.84 -36.60 0.51
CA ALA B 137 17.08 -36.04 1.63
C ALA B 137 15.62 -35.84 1.25
N SER B 138 14.73 -36.21 2.16
CA SER B 138 13.30 -36.02 1.97
C SER B 138 12.94 -34.57 2.24
N VAL B 139 13.55 -34.03 3.29
CA VAL B 139 13.32 -32.65 3.70
C VAL B 139 14.40 -31.75 3.13
N LEU B 140 13.99 -30.62 2.55
CA LEU B 140 14.93 -29.64 2.02
C LEU B 140 16.01 -29.30 3.05
N GLN B 141 17.26 -29.36 2.64
CA GLN B 141 18.38 -29.05 3.50
C GLN B 141 18.96 -27.68 3.16
N GLU B 142 19.58 -27.03 4.14
CA GLU B 142 20.36 -25.82 3.87
C GLU B 142 21.70 -25.89 4.61
N LEU B 143 22.64 -25.04 4.21
CA LEU B 143 24.02 -25.15 4.66
C LEU B 143 24.76 -23.82 4.50
N ASN B 144 25.35 -23.34 5.59
CA ASN B 144 26.16 -22.13 5.58
C ASN B 144 27.48 -22.40 4.92
N VAL B 145 27.80 -21.62 3.90
CA VAL B 145 29.04 -21.79 3.20
C VAL B 145 29.72 -20.44 3.01
N THR B 146 31.01 -20.50 2.73
CA THR B 146 31.83 -19.31 2.52
C THR B 146 32.40 -19.32 1.11
N VAL B 147 32.30 -18.19 0.41
CA VAL B 147 32.88 -18.05 -0.92
C VAL B 147 34.40 -18.10 -0.87
N VAL B 148 35.01 -18.88 -1.76
CA VAL B 148 36.47 -18.98 -1.86
C VAL B 148 36.91 -18.92 -3.31
N THR B 149 38.11 -18.41 -3.56
CA THR B 149 38.71 -18.43 -4.89
C THR B 149 39.78 -19.52 -5.03
N SER B 150 40.30 -20.02 -3.92
CA SER B 150 41.26 -21.12 -3.92
C SER B 150 40.71 -22.35 -4.63
N LEU B 151 41.49 -22.94 -5.52
CA LEU B 151 41.06 -24.10 -6.30
C LEU B 151 39.78 -23.83 -7.10
N CYS B 152 39.53 -22.56 -7.40
CA CYS B 152 38.33 -22.20 -8.17
C CYS B 152 38.69 -21.51 -9.47
N ARG B 153 38.05 -21.93 -10.55
CA ARG B 153 38.24 -21.27 -11.83
C ARG B 153 37.60 -19.89 -11.79
N ARG B 154 38.08 -19.01 -12.67
CA ARG B 154 37.51 -17.69 -12.87
C ARG B 154 36.05 -17.79 -13.36
N SER B 155 35.72 -18.89 -14.02
CA SER B 155 34.39 -19.08 -14.60
C SER B 155 33.40 -19.79 -13.65
N ASN B 156 33.74 -19.82 -12.36
CA ASN B 156 32.85 -20.39 -11.35
C ASN B 156 32.77 -19.48 -10.13
N VAL B 157 31.72 -19.66 -9.35
CA VAL B 157 31.69 -19.19 -7.98
C VAL B 157 31.87 -20.45 -7.13
N CYS B 158 32.86 -20.45 -6.24
CA CYS B 158 33.09 -21.62 -5.40
C CYS B 158 32.88 -21.33 -3.92
N THR B 159 32.44 -22.36 -3.18
CA THR B 159 32.12 -22.21 -1.77
C THR B 159 32.72 -23.37 -0.99
N LEU B 160 32.99 -23.12 0.29
CA LEU B 160 33.67 -24.09 1.13
C LEU B 160 33.16 -23.98 2.55
N VAL B 161 33.06 -25.13 3.22
CA VAL B 161 32.79 -25.15 4.64
C VAL B 161 34.14 -25.28 5.35
N ARG B 162 34.50 -24.27 6.13
CA ARG B 162 35.77 -24.32 6.85
C ARG B 162 35.67 -25.17 8.11
N GLY B 163 36.59 -26.11 8.25
CA GLY B 163 36.74 -26.80 9.53
C GLY B 163 36.11 -28.17 9.60
N ARG B 164 35.29 -28.49 8.62
CA ARG B 164 34.67 -29.82 8.58
C ARG B 164 34.40 -30.27 7.15
N GLN B 165 34.09 -31.56 7.01
CA GLN B 165 33.74 -32.14 5.72
C GLN B 165 32.24 -31.96 5.47
N ALA B 166 31.90 -30.89 4.75
CA ALA B 166 30.52 -30.62 4.39
C ALA B 166 30.46 -30.00 3.01
N GLY B 167 29.31 -30.11 2.35
CA GLY B 167 29.14 -29.54 1.02
C GLY B 167 27.91 -30.10 0.32
N VAL B 168 27.73 -29.72 -0.95
CA VAL B 168 26.63 -30.23 -1.74
C VAL B 168 26.97 -31.62 -2.28
N CYS B 169 25.96 -32.37 -2.69
CA CYS B 169 26.20 -33.70 -3.24
C CYS B 169 25.18 -34.02 -4.32
N PHE B 170 25.17 -35.28 -4.77
CA PHE B 170 24.26 -35.72 -5.83
C PHE B 170 22.79 -35.40 -5.52
N GLY B 171 22.15 -34.65 -6.42
CA GLY B 171 20.77 -34.25 -6.24
C GLY B 171 20.67 -32.76 -5.96
N ASP B 172 21.77 -32.18 -5.51
CA ASP B 172 21.83 -30.76 -5.22
C ASP B 172 22.06 -29.96 -6.48
N SER B 173 22.60 -30.61 -7.51
CA SER B 173 22.81 -29.98 -8.83
C SER B 173 21.62 -29.14 -9.31
N GLY B 174 21.92 -27.95 -9.82
CA GLY B 174 20.89 -27.06 -10.31
C GLY B 174 20.33 -26.12 -9.26
N SER B 175 20.64 -26.40 -7.99
CA SER B 175 20.09 -25.64 -6.88
C SER B 175 20.75 -24.27 -6.72
N PRO B 176 20.01 -23.28 -6.18
CA PRO B 176 20.57 -21.94 -5.99
C PRO B 176 21.61 -21.81 -4.87
N LEU B 177 22.58 -20.92 -5.07
CA LEU B 177 23.42 -20.40 -3.99
C LEU B 177 22.94 -18.98 -3.66
N VAL B 178 22.56 -18.75 -2.41
CA VAL B 178 22.06 -17.44 -2.00
C VAL B 178 23.11 -16.65 -1.20
N CYS B 179 23.47 -15.47 -1.71
CA CYS B 179 24.39 -14.58 -1.03
C CYS B 179 23.76 -13.20 -0.88
N ASN B 180 23.60 -12.76 0.36
CA ASN B 180 22.97 -11.46 0.65
C ASN B 180 21.62 -11.32 -0.03
N GLY B 181 20.84 -12.40 -0.03
CA GLY B 181 19.51 -12.37 -0.61
C GLY B 181 19.44 -12.46 -2.13
N LEU B 182 20.58 -12.53 -2.82
CA LEU B 182 20.57 -12.67 -4.28
C LEU B 182 21.07 -14.06 -4.66
N ILE B 183 20.58 -14.57 -5.78
CA ILE B 183 21.05 -15.85 -6.32
C ILE B 183 22.29 -15.64 -7.15
N HIS B 184 23.44 -16.06 -6.63
CA HIS B 184 24.72 -15.85 -7.29
C HIS B 184 25.26 -17.11 -7.94
N GLY B 185 24.71 -18.27 -7.57
CA GLY B 185 25.24 -19.53 -8.07
C GLY B 185 24.23 -20.62 -8.36
N ILE B 186 24.64 -21.54 -9.23
CA ILE B 186 23.86 -22.73 -9.54
C ILE B 186 24.74 -23.95 -9.35
N ALA B 187 24.35 -24.87 -8.47
CA ALA B 187 25.22 -25.98 -8.09
C ALA B 187 25.58 -26.80 -9.32
N SER B 188 26.87 -27.01 -9.54
CA SER B 188 27.35 -27.53 -10.81
C SER B 188 28.22 -28.79 -10.71
N PHE B 189 29.25 -28.78 -9.86
CA PHE B 189 30.06 -30.00 -9.66
C PHE B 189 30.93 -29.95 -8.41
N VAL B 190 31.26 -31.15 -7.91
CA VAL B 190 32.16 -31.33 -6.80
C VAL B 190 33.44 -32.02 -7.28
N ARG B 191 34.50 -31.93 -6.50
CA ARG B 191 35.75 -32.61 -6.82
C ARG B 191 36.22 -33.42 -5.63
N GLY B 192 36.83 -34.58 -5.92
CA GLY B 192 37.29 -35.48 -4.89
C GLY B 192 36.14 -36.04 -4.05
N GLY B 193 34.97 -36.18 -4.67
CA GLY B 193 33.81 -36.68 -3.98
C GLY B 193 33.11 -35.58 -3.20
N CYS B 194 31.92 -35.89 -2.69
CA CYS B 194 31.16 -34.93 -1.87
C CYS B 194 31.81 -34.72 -0.50
N ALA B 195 31.73 -33.48 -0.01
CA ALA B 195 32.26 -33.10 1.30
C ALA B 195 33.69 -33.63 1.56
N SER B 196 34.60 -33.36 0.64
CA SER B 196 35.93 -33.94 0.68
C SER B 196 36.88 -33.26 1.68
N GLY B 197 36.56 -32.02 2.06
CA GLY B 197 37.45 -31.23 2.88
C GLY B 197 38.69 -30.75 2.13
N LEU B 198 38.76 -31.11 0.84
CA LEU B 198 39.95 -30.86 0.02
C LEU B 198 39.66 -29.89 -1.12
N TYR B 199 38.47 -30.00 -1.71
CA TYR B 199 38.07 -29.13 -2.82
C TYR B 199 36.80 -28.37 -2.46
N PRO B 200 36.69 -27.13 -2.97
CA PRO B 200 35.45 -26.39 -2.81
C PRO B 200 34.38 -26.88 -3.77
N ASP B 201 33.12 -26.58 -3.52
CA ASP B 201 32.04 -26.90 -4.46
C ASP B 201 31.96 -25.80 -5.51
N ALA B 202 31.70 -26.15 -6.77
CA ALA B 202 31.65 -25.16 -7.83
C ALA B 202 30.22 -24.89 -8.29
N PHE B 203 29.92 -23.61 -8.48
CA PHE B 203 28.60 -23.16 -8.89
C PHE B 203 28.72 -22.37 -10.19
N ALA B 204 27.73 -22.51 -11.07
CA ALA B 204 27.65 -21.66 -12.25
C ALA B 204 27.47 -20.23 -11.76
N PRO B 205 28.23 -19.29 -12.34
CA PRO B 205 28.21 -17.91 -11.85
C PRO B 205 27.07 -17.09 -12.48
N VAL B 206 25.94 -17.02 -11.78
CA VAL B 206 24.72 -16.42 -12.30
C VAL B 206 24.92 -14.98 -12.80
N ALA B 207 25.75 -14.22 -12.11
CA ALA B 207 25.98 -12.81 -12.44
C ALA B 207 26.59 -12.62 -13.82
N GLN B 208 27.31 -13.63 -14.30
CA GLN B 208 27.94 -13.58 -15.61
C GLN B 208 26.94 -13.79 -16.75
N PHE B 209 25.72 -14.20 -16.42
CA PHE B 209 24.73 -14.55 -17.44
C PHE B 209 23.47 -13.69 -17.37
N VAL B 210 23.51 -12.62 -16.58
CA VAL B 210 22.33 -11.80 -16.36
C VAL B 210 21.81 -11.10 -17.65
N ASN B 211 22.69 -10.62 -18.52
CA ASN B 211 22.26 -10.01 -19.78
C ASN B 211 21.49 -11.00 -20.63
N TRP B 212 22.03 -12.21 -20.70
CA TRP B 212 21.45 -13.26 -21.49
C TRP B 212 20.08 -13.66 -20.93
N ILE B 213 20.00 -13.75 -19.61
CA ILE B 213 18.75 -14.11 -18.94
C ILE B 213 17.69 -13.04 -19.20
N ASP B 214 18.07 -11.77 -19.06
CA ASP B 214 17.20 -10.63 -19.36
C ASP B 214 16.61 -10.72 -20.77
N SER B 215 17.44 -11.04 -21.77
CA SER B 215 16.98 -11.11 -23.15
C SER B 215 16.00 -12.27 -23.39
N ILE B 216 15.87 -13.15 -22.40
CA ILE B 216 15.02 -14.33 -22.55
C ILE B 216 13.66 -14.14 -21.86
N ILE B 217 13.69 -13.75 -20.58
CA ILE B 217 12.48 -13.63 -19.80
C ILE B 217 11.85 -12.27 -20.08
N GLN B 218 12.55 -11.49 -20.90
CA GLN B 218 12.11 -10.21 -21.49
C GLN B 218 12.03 -9.08 -20.48
N ILE C 1 -12.01 -1.50 24.44
CA ILE C 1 -11.94 -0.63 23.27
C ILE C 1 -13.19 0.22 23.13
N VAL C 2 -13.01 1.53 23.11
CA VAL C 2 -14.12 2.45 22.93
C VAL C 2 -14.27 2.86 21.46
N GLY C 3 -15.46 2.66 20.90
CA GLY C 3 -15.75 3.10 19.55
C GLY C 3 -15.17 2.20 18.49
N GLY C 4 -15.07 0.92 18.81
CA GLY C 4 -14.50 -0.07 17.90
C GLY C 4 -15.55 -1.01 17.38
N ARG C 5 -15.11 -2.17 16.90
CA ARG C 5 -16.02 -3.17 16.34
C ARG C 5 -15.60 -4.58 16.78
N ARG C 6 -16.54 -5.51 16.68
CA ARG C 6 -16.23 -6.92 16.96
C ARG C 6 -15.14 -7.41 16.02
N ALA C 7 -14.18 -8.16 16.55
CA ALA C 7 -13.21 -8.85 15.70
C ALA C 7 -13.84 -10.13 15.17
N ARG C 8 -13.42 -10.54 13.98
CA ARG C 8 -13.81 -11.85 13.48
C ARG C 8 -13.20 -12.91 14.40
N PRO C 9 -13.96 -13.99 14.65
CA PRO C 9 -13.51 -15.13 15.47
C PRO C 9 -12.10 -15.62 15.10
N HIS C 10 -11.17 -15.45 16.05
CA HIS C 10 -9.80 -15.91 15.90
C HIS C 10 -9.05 -15.26 14.74
N ALA C 11 -9.40 -14.02 14.42
CA ALA C 11 -8.71 -13.27 13.38
C ALA C 11 -7.27 -12.97 13.77
N TRP C 12 -7.03 -12.92 15.07
CA TRP C 12 -5.72 -12.57 15.62
C TRP C 12 -5.27 -13.58 16.66
N PRO C 13 -4.87 -14.78 16.21
CA PRO C 13 -4.56 -15.93 17.07
C PRO C 13 -3.42 -15.71 18.06
N PHE C 14 -2.68 -14.61 17.90
CA PHE C 14 -1.61 -14.25 18.84
C PHE C 14 -2.15 -13.51 20.06
N MET C 15 -3.44 -13.18 20.04
CA MET C 15 -4.05 -12.37 21.10
C MET C 15 -4.23 -13.17 22.39
N VAL C 16 -3.90 -12.56 23.51
CA VAL C 16 -3.85 -13.26 24.79
C VAL C 16 -4.62 -12.51 25.88
N SER C 17 -5.43 -13.26 26.62
CA SER C 17 -6.12 -12.70 27.76
C SER C 17 -5.43 -13.12 29.07
N LEU C 18 -5.01 -12.14 29.87
CA LEU C 18 -4.46 -12.44 31.19
C LEU C 18 -5.57 -12.37 32.24
N GLN C 19 -5.77 -13.46 32.97
CA GLN C 19 -6.92 -13.54 33.85
C GLN C 19 -6.56 -13.81 35.32
N LEU C 20 -7.25 -13.10 36.19
CA LEU C 20 -7.19 -13.32 37.64
C LEU C 20 -8.56 -13.72 38.14
N ARG C 21 -8.64 -14.88 38.78
CA ARG C 21 -9.88 -15.34 39.40
C ARG C 21 -11.01 -15.45 38.37
N GLY C 22 -10.66 -15.99 37.21
CA GLY C 22 -11.62 -16.15 36.12
C GLY C 22 -11.89 -14.88 35.34
N GLY C 23 -11.29 -13.76 35.77
CA GLY C 23 -11.59 -12.46 35.17
C GLY C 23 -10.45 -11.80 34.41
N HIS C 24 -10.73 -11.37 33.18
CA HIS C 24 -9.78 -10.64 32.36
C HIS C 24 -9.39 -9.31 33.00
N PHE C 25 -8.10 -9.05 33.10
CA PHE C 25 -7.63 -7.75 33.60
C PHE C 25 -6.67 -7.06 32.62
N CYS C 26 -6.01 -7.85 31.77
CA CYS C 26 -5.02 -7.33 30.83
C CYS C 26 -4.93 -8.19 29.59
N GLY C 27 -4.45 -7.61 28.51
CA GLY C 27 -4.15 -8.38 27.32
C GLY C 27 -2.67 -8.69 27.26
N ALA C 28 -2.30 -9.61 26.37
CA ALA C 28 -0.89 -9.91 26.10
C ALA C 28 -0.77 -10.39 24.67
N THR C 29 0.46 -10.68 24.25
CA THR C 29 0.76 -11.15 22.91
C THR C 29 1.62 -12.41 22.93
N LEU C 30 1.16 -13.47 22.26
CA LEU C 30 2.01 -14.66 22.13
C LEU C 30 3.15 -14.35 21.16
N ILE C 31 4.38 -14.47 21.63
CA ILE C 31 5.54 -14.16 20.80
C ILE C 31 6.47 -15.36 20.62
N ALA C 32 6.11 -16.46 21.24
CA ALA C 32 6.79 -17.74 21.11
C ALA C 32 5.89 -18.77 21.79
N PRO C 33 6.05 -20.06 21.44
CA PRO C 33 5.21 -21.11 22.04
C PRO C 33 5.17 -21.07 23.58
N ASN C 34 6.26 -20.68 24.22
CA ASN C 34 6.33 -20.66 25.69
C ASN C 34 6.58 -19.26 26.29
N PHE C 35 6.26 -18.22 25.54
CA PHE C 35 6.49 -16.83 25.96
C PHE C 35 5.38 -15.90 25.48
N VAL C 36 4.86 -15.07 26.39
CA VAL C 36 3.97 -13.96 26.02
C VAL C 36 4.59 -12.65 26.48
N MET C 37 4.24 -11.54 25.82
CA MET C 37 4.68 -10.24 26.31
C MET C 37 3.48 -9.34 26.62
N SER C 38 3.60 -8.57 27.68
CA SER C 38 2.52 -7.70 28.13
C SER C 38 3.11 -6.42 28.68
N ALA C 39 2.30 -5.61 29.34
CA ALA C 39 2.85 -4.41 29.97
C ALA C 39 3.28 -4.75 31.38
N ALA C 40 4.43 -4.22 31.79
CA ALA C 40 4.95 -4.44 33.14
C ALA C 40 3.92 -4.06 34.21
N HIS C 41 3.25 -2.92 34.02
CA HIS C 41 2.39 -2.41 35.09
C HIS C 41 1.19 -3.31 35.29
N CYS C 42 0.86 -4.15 34.30
CA CYS C 42 -0.21 -5.13 34.43
C CYS C 42 0.11 -6.20 35.50
N VAL C 43 1.38 -6.55 35.67
CA VAL C 43 1.71 -7.61 36.62
C VAL C 43 2.35 -7.06 37.89
N ALA C 44 2.44 -5.74 37.98
CA ALA C 44 3.00 -5.10 39.17
C ALA C 44 1.97 -5.13 40.30
N ASN C 45 2.43 -5.43 41.52
CA ASN C 45 1.56 -5.48 42.69
C ASN C 45 0.38 -6.44 42.50
N VAL C 46 0.67 -7.60 41.92
CA VAL C 46 -0.35 -8.60 41.61
C VAL C 46 0.24 -9.98 41.86
N ASN C 47 -0.54 -10.90 42.42
CA ASN C 47 -0.02 -12.25 42.63
C ASN C 47 0.14 -12.99 41.30
N VAL C 48 1.35 -12.99 40.78
CA VAL C 48 1.62 -13.56 39.47
C VAL C 48 1.34 -15.07 39.42
N ARG C 49 1.45 -15.75 40.55
CA ARG C 49 1.21 -17.20 40.59
C ARG C 49 -0.26 -17.56 40.37
N ALA C 50 -1.16 -16.60 40.54
CA ALA C 50 -2.59 -16.84 40.31
C ALA C 50 -3.02 -16.34 38.93
N VAL C 51 -2.12 -15.66 38.24
CA VAL C 51 -2.40 -15.18 36.89
C VAL C 51 -2.53 -16.35 35.91
N ARG C 52 -3.63 -16.38 35.18
CA ARG C 52 -3.80 -17.39 34.15
C ARG C 52 -3.71 -16.78 32.77
N VAL C 53 -2.93 -17.42 31.90
CA VAL C 53 -2.65 -16.98 30.54
C VAL C 53 -3.50 -17.76 29.54
N VAL C 54 -4.49 -17.09 28.95
CA VAL C 54 -5.46 -17.76 28.10
C VAL C 54 -5.22 -17.47 26.61
N LEU C 55 -4.82 -18.51 25.88
CA LEU C 55 -4.58 -18.40 24.43
C LEU C 55 -5.81 -18.85 23.65
N GLY C 56 -5.91 -18.41 22.39
CA GLY C 56 -6.94 -18.88 21.48
C GLY C 56 -8.37 -18.55 21.87
N ALA C 57 -8.55 -17.52 22.68
CA ALA C 57 -9.88 -17.14 23.15
C ALA C 57 -10.53 -16.09 22.24
N HIS C 58 -11.86 -15.98 22.33
CA HIS C 58 -12.62 -15.00 21.54
C HIS C 58 -13.75 -14.36 22.36
N ASN C 59 -14.68 -15.20 22.82
CA ASN C 59 -15.74 -14.75 23.70
C ASN C 59 -15.45 -15.19 25.13
N LEU C 60 -15.11 -14.23 25.99
CA LEU C 60 -14.65 -14.53 27.35
C LEU C 60 -15.79 -14.88 28.30
N SER C 61 -17.01 -14.94 27.76
CA SER C 61 -18.18 -15.28 28.57
C SER C 61 -18.68 -16.67 28.21
N ARG C 62 -18.00 -17.30 27.25
CA ARG C 62 -18.41 -18.57 26.69
C ARG C 62 -17.38 -19.67 27.00
N ARG C 63 -17.79 -20.92 26.79
CA ARG C 63 -16.86 -22.04 26.88
C ARG C 63 -16.29 -22.29 25.48
N GLU C 64 -14.97 -22.21 25.36
CA GLU C 64 -14.31 -22.36 24.08
C GLU C 64 -13.22 -23.43 24.13
N PRO C 65 -13.44 -24.57 23.44
CA PRO C 65 -12.49 -25.69 23.39
C PRO C 65 -11.17 -25.32 22.70
N THR C 66 -11.16 -24.19 21.98
CA THR C 66 -9.95 -23.74 21.29
C THR C 66 -8.97 -23.10 22.27
N ARG C 67 -9.42 -22.85 23.49
CA ARG C 67 -8.58 -22.23 24.52
C ARG C 67 -7.48 -23.13 25.05
N GLN C 68 -6.32 -22.53 25.29
CA GLN C 68 -5.24 -23.18 26.02
C GLN C 68 -4.82 -22.29 27.18
N VAL C 69 -4.83 -22.83 28.39
CA VAL C 69 -4.51 -22.05 29.58
C VAL C 69 -3.17 -22.46 30.20
N PHE C 70 -2.35 -21.46 30.47
CA PHE C 70 -1.01 -21.66 31.03
C PHE C 70 -0.80 -20.81 32.28
N ALA C 71 0.26 -21.10 33.01
CA ALA C 71 0.65 -20.27 34.16
C ALA C 71 1.98 -19.58 33.87
N VAL C 72 2.24 -18.49 34.57
CA VAL C 72 3.52 -17.80 34.48
C VAL C 72 4.61 -18.60 35.19
N GLN C 73 5.73 -18.80 34.51
CA GLN C 73 6.86 -19.50 35.11
C GLN C 73 8.04 -18.57 35.40
N ARG C 74 8.40 -17.71 34.45
CA ARG C 74 9.51 -16.77 34.62
C ARG C 74 9.18 -15.36 34.15
N ILE C 75 9.71 -14.37 34.87
CA ILE C 75 9.42 -12.97 34.57
C ILE C 75 10.69 -12.22 34.17
N PHE C 76 10.61 -11.47 33.08
CA PHE C 76 11.73 -10.65 32.62
C PHE C 76 11.26 -9.20 32.49
N GLU C 77 12.05 -8.27 33.02
CA GLU C 77 11.72 -6.85 32.93
C GLU C 77 13.00 -6.06 32.72
N ASN C 78 12.94 -4.99 31.94
CA ASN C 78 14.16 -4.28 31.57
C ASN C 78 14.03 -2.77 31.71
N GLY C 79 14.12 -2.29 32.93
CA GLY C 79 14.15 -0.86 33.18
C GLY C 79 12.78 -0.26 33.27
N TYR C 80 11.79 -1.06 33.63
CA TYR C 80 10.43 -0.56 33.79
C TYR C 80 10.36 0.52 34.87
N ASP C 81 9.84 1.69 34.48
CA ASP C 81 9.67 2.84 35.37
C ASP C 81 8.22 2.93 35.83
N PRO C 82 7.96 2.58 37.10
CA PRO C 82 6.58 2.50 37.59
C PRO C 82 5.91 3.87 37.68
N VAL C 83 6.69 4.93 37.82
CA VAL C 83 6.12 6.26 38.01
C VAL C 83 5.75 6.95 36.69
N ASN C 84 6.67 6.92 35.73
CA ASN C 84 6.46 7.58 34.44
C ASN C 84 6.02 6.63 33.33
N LEU C 85 5.88 5.35 33.68
CA LEU C 85 5.56 4.29 32.73
C LEU C 85 6.50 4.29 31.52
N LEU C 86 7.81 4.24 31.78
CA LEU C 86 8.79 4.04 30.72
C LEU C 86 9.17 2.56 30.69
N ASN C 87 9.50 2.05 29.51
CA ASN C 87 9.81 0.63 29.30
C ASN C 87 8.73 -0.26 29.89
N ASP C 88 7.48 0.05 29.57
CA ASP C 88 6.35 -0.66 30.16
C ASP C 88 6.12 -1.99 29.47
N ILE C 89 7.07 -2.90 29.64
CA ILE C 89 7.03 -4.19 28.97
C ILE C 89 7.53 -5.31 29.91
N VAL C 90 6.81 -6.42 29.89
CA VAL C 90 7.26 -7.59 30.61
C VAL C 90 7.21 -8.80 29.67
N ILE C 91 8.19 -9.70 29.81
CA ILE C 91 8.14 -10.98 29.11
C ILE C 91 7.86 -12.06 30.14
N LEU C 92 6.84 -12.86 29.87
CA LEU C 92 6.45 -13.92 30.78
C LEU C 92 6.68 -15.28 30.13
N GLN C 93 7.53 -16.09 30.73
CA GLN C 93 7.69 -17.46 30.27
C GLN C 93 6.56 -18.30 30.85
N LEU C 94 5.91 -19.08 29.99
CA LEU C 94 4.79 -19.92 30.40
C LEU C 94 5.29 -21.22 31.03
N ASN C 95 4.40 -21.91 31.75
CA ASN C 95 4.75 -23.19 32.40
C ASN C 95 4.74 -24.36 31.41
N GLY C 96 4.57 -24.05 30.13
CA GLY C 96 4.61 -25.03 29.06
C GLY C 96 4.62 -24.36 27.69
N SER C 97 4.50 -25.18 26.64
CA SER C 97 4.45 -24.68 25.27
C SER C 97 3.04 -24.84 24.67
N ALA C 98 2.62 -23.83 23.91
CA ALA C 98 1.32 -23.86 23.25
C ALA C 98 1.31 -24.80 22.05
N THR C 99 0.20 -25.48 21.85
CA THR C 99 0.02 -26.24 20.61
C THR C 99 -0.38 -25.28 19.49
N ILE C 100 0.45 -25.22 18.47
CA ILE C 100 0.32 -24.24 17.39
C ILE C 100 -0.65 -24.69 16.30
N ASN C 101 -1.86 -24.16 16.34
CA ASN C 101 -2.89 -24.50 15.38
C ASN C 101 -3.45 -23.25 14.73
N ALA C 102 -4.63 -23.35 14.11
CA ALA C 102 -5.21 -22.21 13.42
C ALA C 102 -5.61 -21.10 14.39
N ASN C 103 -5.99 -21.48 15.61
CA ASN C 103 -6.49 -20.51 16.60
C ASN C 103 -5.42 -19.93 17.52
N VAL C 104 -4.24 -20.55 17.54
CA VAL C 104 -3.15 -20.15 18.43
C VAL C 104 -1.85 -20.06 17.65
N GLN C 105 -1.39 -18.83 17.45
CA GLN C 105 -0.25 -18.56 16.57
C GLN C 105 0.70 -17.54 17.16
N VAL C 106 1.98 -17.67 16.79
CA VAL C 106 3.02 -16.75 17.23
C VAL C 106 3.05 -15.48 16.37
N ALA C 107 3.09 -14.33 17.02
CA ALA C 107 3.11 -13.06 16.31
C ALA C 107 4.50 -12.75 15.80
N GLN C 108 4.55 -11.89 14.79
CA GLN C 108 5.81 -11.43 14.25
C GLN C 108 6.13 -10.03 14.74
N LEU C 109 7.41 -9.77 14.98
CA LEU C 109 7.85 -8.51 15.54
C LEU C 109 8.64 -7.73 14.52
N PRO C 110 8.70 -6.41 14.69
CA PRO C 110 9.57 -5.60 13.80
C PRO C 110 11.04 -5.84 14.06
N ALA C 111 11.88 -5.14 13.31
CA ALA C 111 13.32 -5.16 13.51
C ALA C 111 13.69 -4.13 14.57
N GLN C 112 14.79 -4.38 15.25
CA GLN C 112 15.30 -3.48 16.27
C GLN C 112 15.42 -2.04 15.74
N GLY C 113 14.85 -1.09 16.47
CA GLY C 113 14.99 0.33 16.14
C GLY C 113 14.06 0.89 15.08
N ARG C 114 13.19 0.07 14.51
CA ARG C 114 12.28 0.57 13.48
C ARG C 114 11.22 1.52 14.06
N ARG C 115 11.24 2.76 13.60
CA ARG C 115 10.28 3.77 14.01
C ARG C 115 9.18 3.96 12.99
N LEU C 116 7.95 4.08 13.46
CA LEU C 116 6.81 4.37 12.58
C LEU C 116 6.61 5.87 12.45
N GLY C 117 6.37 6.33 11.22
CA GLY C 117 6.15 7.74 10.98
C GLY C 117 4.72 8.15 11.22
N ASN C 118 4.53 9.45 11.38
CA ASN C 118 3.19 10.04 11.50
C ASN C 118 2.25 9.61 10.40
N GLY C 119 1.08 9.08 10.76
CA GLY C 119 0.06 8.73 9.79
C GLY C 119 -0.06 7.28 9.39
N VAL C 120 0.87 6.43 9.84
CA VAL C 120 0.78 4.99 9.56
C VAL C 120 -0.51 4.40 10.14
N GLN C 121 -1.19 3.59 9.34
CA GLN C 121 -2.46 2.99 9.73
C GLN C 121 -2.24 1.69 10.50
N CYS C 122 -2.73 1.65 11.73
CA CYS C 122 -2.60 0.46 12.56
C CYS C 122 -3.95 -0.02 13.05
N LEU C 123 -3.98 -1.23 13.58
CA LEU C 123 -5.16 -1.78 14.20
C LEU C 123 -4.88 -2.08 15.67
N ALA C 124 -5.69 -1.51 16.57
CA ALA C 124 -5.60 -1.83 18.00
C ALA C 124 -6.63 -2.90 18.35
N MET C 125 -6.51 -3.49 19.53
CA MET C 125 -7.45 -4.53 19.93
C MET C 125 -7.41 -4.86 21.42
N GLY C 126 -8.44 -5.56 21.90
CA GLY C 126 -8.46 -6.01 23.27
C GLY C 126 -9.85 -6.27 23.80
N TRP C 127 -9.90 -6.68 25.08
CA TRP C 127 -11.15 -6.99 25.75
C TRP C 127 -11.52 -5.93 26.79
N GLY C 128 -11.00 -4.71 26.61
CA GLY C 128 -11.25 -3.64 27.56
C GLY C 128 -12.67 -3.10 27.57
N LEU C 129 -12.92 -2.08 28.40
CA LEU C 129 -14.24 -1.47 28.53
C LEU C 129 -14.73 -0.90 27.20
N LEU C 130 -16.04 -0.93 26.99
CA LEU C 130 -16.64 -0.39 25.78
C LEU C 130 -16.98 1.09 25.92
N GLY C 131 -16.88 1.62 27.14
CA GLY C 131 -17.19 3.02 27.38
C GLY C 131 -17.24 3.40 28.85
N ARG C 132 -17.38 4.71 29.12
CA ARG C 132 -17.43 5.22 30.49
C ARG C 132 -18.57 4.58 31.29
N ASN C 133 -18.22 3.53 32.04
CA ASN C 133 -19.18 2.66 32.70
C ASN C 133 -20.11 2.03 31.66
N ARG C 134 -19.63 0.97 31.02
CA ARG C 134 -20.39 0.28 29.99
C ARG C 134 -20.02 -1.20 29.95
N GLY C 135 -19.11 -1.58 30.84
CA GLY C 135 -18.77 -2.98 31.02
C GLY C 135 -17.67 -3.48 30.10
N ILE C 136 -16.83 -4.36 30.63
CA ILE C 136 -15.77 -5.01 29.86
C ILE C 136 -16.38 -5.81 28.72
N ALA C 137 -15.75 -5.75 27.55
CA ALA C 137 -16.25 -6.47 26.38
C ALA C 137 -16.15 -7.98 26.56
N SER C 138 -17.20 -8.70 26.18
CA SER C 138 -17.18 -10.15 26.16
C SER C 138 -16.35 -10.65 24.99
N VAL C 139 -16.62 -10.07 23.83
CA VAL C 139 -15.95 -10.47 22.60
C VAL C 139 -14.79 -9.53 22.32
N LEU C 140 -13.76 -10.07 21.70
CA LEU C 140 -12.59 -9.28 21.29
C LEU C 140 -12.99 -8.16 20.34
N GLN C 141 -12.55 -6.96 20.67
CA GLN C 141 -12.80 -5.78 19.85
C GLN C 141 -11.54 -5.38 19.10
N GLU C 142 -11.72 -4.72 17.96
CA GLU C 142 -10.60 -4.14 17.24
C GLU C 142 -10.94 -2.73 16.80
N LEU C 143 -9.91 -1.95 16.48
CA LEU C 143 -10.07 -0.53 16.24
C LEU C 143 -8.97 0.01 15.34
N ASN C 144 -9.38 0.66 14.26
CA ASN C 144 -8.45 1.29 13.33
C ASN C 144 -7.90 2.57 13.92
N VAL C 145 -6.59 2.72 13.93
CA VAL C 145 -5.99 3.88 14.55
C VAL C 145 -4.86 4.40 13.69
N THR C 146 -4.51 5.66 13.91
CA THR C 146 -3.45 6.32 13.17
C THR C 146 -2.29 6.69 14.09
N VAL C 147 -1.07 6.41 13.65
CA VAL C 147 0.13 6.80 14.37
C VAL C 147 0.32 8.32 14.39
N VAL C 148 0.59 8.87 15.58
CA VAL C 148 0.91 10.29 15.70
C VAL C 148 2.20 10.49 16.49
N THR C 149 2.83 11.64 16.32
CA THR C 149 4.03 11.97 17.06
C THR C 149 3.82 13.22 17.92
N SER C 150 2.75 13.97 17.63
CA SER C 150 2.38 15.13 18.45
C SER C 150 1.70 14.69 19.73
N LEU C 151 1.98 15.40 20.83
CA LEU C 151 1.48 15.03 22.15
C LEU C 151 1.90 13.61 22.53
N CYS C 152 3.11 13.23 22.13
CA CYS C 152 3.61 11.89 22.41
C CYS C 152 5.09 11.94 22.74
N ARG C 153 5.52 11.13 23.71
CA ARG C 153 6.94 11.08 24.02
C ARG C 153 7.66 10.24 22.98
N ARG C 154 8.91 10.59 22.73
CA ARG C 154 9.76 9.82 21.82
C ARG C 154 9.91 8.37 22.31
N SER C 155 9.68 8.15 23.60
CA SER C 155 9.83 6.82 24.19
C SER C 155 8.55 6.01 24.09
N ASN C 156 7.54 6.56 23.43
CA ASN C 156 6.30 5.82 23.18
C ASN C 156 5.97 5.76 21.70
N VAL C 157 5.15 4.78 21.34
CA VAL C 157 4.45 4.83 20.07
C VAL C 157 2.99 5.21 20.33
N CYS C 158 2.57 6.36 19.81
CA CYS C 158 1.23 6.86 20.09
C CYS C 158 0.31 6.82 18.88
N THR C 159 -0.97 6.59 19.14
CA THR C 159 -1.98 6.49 18.11
C THR C 159 -3.18 7.34 18.46
N LEU C 160 -3.89 7.78 17.43
CA LEU C 160 -5.06 8.59 17.62
C LEU C 160 -6.12 8.30 16.57
N VAL C 161 -7.35 8.12 17.01
CA VAL C 161 -8.47 8.07 16.08
C VAL C 161 -8.96 9.50 15.84
N ARG C 162 -8.69 10.02 14.66
CA ARG C 162 -9.10 11.38 14.31
C ARG C 162 -10.55 11.39 13.81
N GLY C 163 -11.26 12.47 14.13
CA GLY C 163 -12.62 12.66 13.62
C GLY C 163 -13.72 12.21 14.56
N ARG C 164 -13.35 11.43 15.57
CA ARG C 164 -14.33 10.96 16.54
C ARG C 164 -13.66 10.52 17.84
N GLN C 165 -14.46 10.22 18.86
CA GLN C 165 -13.93 9.83 20.14
C GLN C 165 -13.82 8.30 20.22
N ALA C 166 -12.62 7.80 19.98
CA ALA C 166 -12.36 6.38 20.07
C ALA C 166 -10.96 6.14 20.60
N GLY C 167 -10.74 4.98 21.21
CA GLY C 167 -9.44 4.65 21.76
C GLY C 167 -9.48 3.42 22.64
N VAL C 168 -8.32 3.00 23.13
CA VAL C 168 -8.25 1.88 24.06
C VAL C 168 -8.74 2.35 25.42
N CYS C 169 -9.13 1.40 26.27
CA CYS C 169 -9.60 1.75 27.61
C CYS C 169 -9.20 0.67 28.61
N PHE C 170 -9.68 0.81 29.85
CA PHE C 170 -9.36 -0.12 30.93
C PHE C 170 -9.61 -1.57 30.53
N GLY C 171 -8.59 -2.42 30.70
CA GLY C 171 -8.69 -3.80 30.29
C GLY C 171 -7.97 -4.06 28.99
N ASP C 172 -7.60 -2.99 28.29
CA ASP C 172 -6.86 -3.10 27.04
C ASP C 172 -5.35 -3.10 27.26
N SER C 173 -4.90 -2.67 28.44
CA SER C 173 -3.46 -2.65 28.76
C SER C 173 -2.77 -3.99 28.51
N GLY C 174 -1.59 -3.93 27.90
CA GLY C 174 -0.82 -5.13 27.58
C GLY C 174 -1.15 -5.72 26.21
N SER C 175 -2.18 -5.20 25.56
CA SER C 175 -2.63 -5.67 24.23
C SER C 175 -1.77 -5.14 23.08
N PRO C 176 -1.58 -5.96 22.04
CA PRO C 176 -0.78 -5.56 20.89
C PRO C 176 -1.40 -4.46 20.05
N LEU C 177 -0.53 -3.65 19.45
CA LEU C 177 -0.89 -2.75 18.37
C LEU C 177 -0.25 -3.31 17.10
N VAL C 178 -1.08 -3.74 16.16
CA VAL C 178 -0.57 -4.37 14.95
C VAL C 178 -0.47 -3.36 13.80
N CYS C 179 0.75 -3.14 13.32
CA CYS C 179 0.99 -2.27 12.18
C CYS C 179 1.65 -3.08 11.05
N ASN C 180 0.98 -3.13 9.90
CA ASN C 180 1.47 -3.84 8.73
C ASN C 180 1.90 -5.27 9.06
N GLY C 181 1.04 -6.00 9.75
CA GLY C 181 1.33 -7.35 10.18
C GLY C 181 2.32 -7.52 11.35
N LEU C 182 2.91 -6.43 11.84
CA LEU C 182 3.90 -6.53 12.91
C LEU C 182 3.40 -5.91 14.22
N ILE C 183 3.88 -6.44 15.36
CA ILE C 183 3.48 -5.90 16.65
C ILE C 183 4.40 -4.75 17.03
N HIS C 184 3.92 -3.53 16.85
CA HIS C 184 4.76 -2.37 17.10
C HIS C 184 4.52 -1.78 18.48
N GLY C 185 3.46 -2.21 19.14
CA GLY C 185 3.08 -1.60 20.39
C GLY C 185 2.44 -2.49 21.43
N ILE C 186 2.61 -2.09 22.69
CA ILE C 186 1.91 -2.70 23.81
C ILE C 186 1.15 -1.58 24.50
N ALA C 187 -0.16 -1.73 24.66
CA ALA C 187 -0.97 -0.66 25.23
C ALA C 187 -0.51 -0.33 26.64
N SER C 188 -0.15 0.93 26.87
CA SER C 188 0.46 1.34 28.12
C SER C 188 -0.40 2.32 28.94
N PHE C 189 -0.77 3.47 28.38
CA PHE C 189 -1.65 4.40 29.12
C PHE C 189 -2.40 5.39 28.24
N VAL C 190 -3.56 5.81 28.73
CA VAL C 190 -4.34 6.85 28.10
C VAL C 190 -4.27 8.12 28.97
N ARG C 191 -4.69 9.24 28.38
CA ARG C 191 -4.72 10.52 29.08
C ARG C 191 -6.06 11.22 28.81
N GLY C 192 -6.50 12.03 29.77
CA GLY C 192 -7.78 12.70 29.65
C GLY C 192 -8.97 11.74 29.71
N GLY C 193 -8.73 10.55 30.24
CA GLY C 193 -9.72 9.49 30.18
C GLY C 193 -9.65 8.79 28.84
N CYS C 194 -10.45 7.75 28.69
CA CYS C 194 -10.50 7.00 27.45
C CYS C 194 -11.24 7.80 26.37
N ALA C 195 -10.67 7.81 25.17
CA ALA C 195 -11.25 8.47 24.00
C ALA C 195 -11.52 9.96 24.23
N SER C 196 -10.49 10.70 24.62
CA SER C 196 -10.62 12.13 24.90
C SER C 196 -10.63 12.92 23.60
N GLY C 197 -10.17 12.30 22.52
CA GLY C 197 -10.19 12.93 21.21
C GLY C 197 -9.15 14.02 21.12
N LEU C 198 -8.20 14.00 22.03
CA LEU C 198 -7.10 14.96 22.07
C LEU C 198 -5.76 14.27 22.37
N TYR C 199 -5.67 13.63 23.53
CA TYR C 199 -4.45 12.90 23.91
C TYR C 199 -4.40 11.55 23.19
N PRO C 200 -3.32 11.31 22.44
CA PRO C 200 -3.23 10.00 21.81
C PRO C 200 -2.91 8.91 22.82
N ASP C 201 -3.43 7.71 22.61
CA ASP C 201 -3.08 6.55 23.42
C ASP C 201 -1.59 6.24 23.32
N ALA C 202 -0.95 5.93 24.45
CA ALA C 202 0.47 5.61 24.47
C ALA C 202 0.72 4.10 24.51
N PHE C 203 1.69 3.66 23.71
CA PHE C 203 2.06 2.24 23.62
C PHE C 203 3.54 2.06 23.92
N ALA C 204 3.89 0.96 24.58
CA ALA C 204 5.30 0.60 24.71
C ALA C 204 5.84 0.26 23.34
N PRO C 205 6.97 0.88 22.94
CA PRO C 205 7.55 0.73 21.60
C PRO C 205 8.32 -0.59 21.42
N VAL C 206 7.65 -1.64 20.94
CA VAL C 206 8.22 -3.00 20.90
C VAL C 206 9.53 -3.07 20.12
N ALA C 207 9.63 -2.25 19.07
CA ALA C 207 10.80 -2.25 18.21
C ALA C 207 12.08 -1.86 18.95
N GLN C 208 11.96 -1.09 20.03
CA GLN C 208 13.12 -0.67 20.81
C GLN C 208 13.59 -1.77 21.74
N PHE C 209 12.80 -2.82 21.88
CA PHE C 209 13.13 -3.90 22.79
C PHE C 209 13.39 -5.25 22.11
N VAL C 210 13.47 -5.25 20.78
CA VAL C 210 13.54 -6.50 19.98
C VAL C 210 14.80 -7.35 20.27
N ASN C 211 15.98 -6.73 20.32
CA ASN C 211 17.19 -7.46 20.69
C ASN C 211 17.06 -8.13 22.06
N TRP C 212 16.52 -7.38 23.01
CA TRP C 212 16.34 -7.90 24.36
C TRP C 212 15.36 -9.07 24.37
N ILE C 213 14.25 -8.88 23.66
CA ILE C 213 13.26 -9.93 23.52
C ILE C 213 13.88 -11.18 22.89
N ASP C 214 14.66 -11.00 21.83
CA ASP C 214 15.31 -12.11 21.13
C ASP C 214 16.34 -12.86 22.00
N SER C 215 17.07 -12.13 22.82
CA SER C 215 18.04 -12.77 23.73
C SER C 215 17.36 -13.70 24.74
N ILE C 216 16.08 -13.44 24.99
CA ILE C 216 15.33 -14.19 25.98
C ILE C 216 14.61 -15.39 25.37
N ILE C 217 13.90 -15.17 24.28
CA ILE C 217 13.17 -16.24 23.60
C ILE C 217 14.04 -16.95 22.56
N GLN C 218 15.29 -16.51 22.44
CA GLN C 218 16.25 -17.04 21.46
C GLN C 218 15.70 -17.06 20.04
N ILE D 1 -20.53 10.05 -3.93
CA ILE D 1 -19.90 9.96 -2.62
C ILE D 1 -18.99 8.75 -2.53
N VAL D 2 -17.71 9.00 -2.27
CA VAL D 2 -16.74 7.92 -2.10
C VAL D 2 -16.48 7.64 -0.61
N GLY D 3 -16.73 6.42 -0.17
CA GLY D 3 -16.39 6.02 1.19
C GLY D 3 -17.44 6.31 2.25
N GLY D 4 -18.69 6.50 1.82
CA GLY D 4 -19.76 6.75 2.77
C GLY D 4 -20.67 5.56 2.96
N ARG D 5 -21.90 5.82 3.37
CA ARG D 5 -22.89 4.76 3.57
C ARG D 5 -24.24 5.14 2.94
N ARG D 6 -25.02 4.14 2.60
CA ARG D 6 -26.39 4.37 2.15
C ARG D 6 -27.17 5.09 3.23
N ALA D 7 -27.87 6.16 2.85
CA ALA D 7 -28.73 6.86 3.77
C ALA D 7 -30.02 6.07 3.96
N ARG D 8 -30.60 6.14 5.16
CA ARG D 8 -31.90 5.53 5.38
C ARG D 8 -32.92 6.27 4.53
N PRO D 9 -33.91 5.54 3.98
CA PRO D 9 -34.92 6.13 3.09
C PRO D 9 -35.52 7.43 3.61
N HIS D 10 -35.41 8.47 2.78
CA HIS D 10 -36.01 9.78 3.04
C HIS D 10 -35.60 10.40 4.36
N ALA D 11 -34.35 10.15 4.77
CA ALA D 11 -33.82 10.75 5.99
C ALA D 11 -33.56 12.24 5.79
N TRP D 12 -33.39 12.64 4.54
CA TRP D 12 -33.11 14.02 4.20
C TRP D 12 -34.05 14.48 3.08
N PRO D 13 -35.29 14.85 3.45
CA PRO D 13 -36.40 15.13 2.52
C PRO D 13 -36.21 16.41 1.72
N PHE D 14 -35.18 17.20 2.04
CA PHE D 14 -34.90 18.41 1.27
C PHE D 14 -33.96 18.12 0.10
N MET D 15 -33.47 16.88 0.04
CA MET D 15 -32.49 16.49 -0.97
C MET D 15 -33.11 16.41 -2.36
N VAL D 16 -32.42 16.97 -3.35
CA VAL D 16 -32.95 17.08 -4.69
C VAL D 16 -32.02 16.45 -5.72
N SER D 17 -32.61 15.77 -6.71
CA SER D 17 -31.85 15.26 -7.84
C SER D 17 -32.19 16.04 -9.11
N LEU D 18 -31.18 16.63 -9.74
CA LEU D 18 -31.36 17.29 -11.04
C LEU D 18 -31.04 16.31 -12.15
N GLN D 19 -31.94 16.20 -13.12
CA GLN D 19 -31.79 15.18 -14.16
C GLN D 19 -31.98 15.72 -15.56
N LEU D 20 -31.28 15.08 -16.48
CA LEU D 20 -31.39 15.36 -17.90
C LEU D 20 -31.62 14.06 -18.64
N ARG D 21 -32.81 13.93 -19.24
CA ARG D 21 -33.18 12.73 -19.97
C ARG D 21 -32.98 11.48 -19.10
N GLY D 22 -33.70 11.43 -17.98
CA GLY D 22 -33.67 10.28 -17.09
C GLY D 22 -32.34 10.05 -16.39
N GLY D 23 -31.42 11.00 -16.51
CA GLY D 23 -30.08 10.83 -15.97
C GLY D 23 -29.68 11.90 -14.97
N HIS D 24 -29.39 11.46 -13.75
CA HIS D 24 -28.88 12.33 -12.71
C HIS D 24 -27.53 12.94 -13.11
N PHE D 25 -27.37 14.25 -12.96
CA PHE D 25 -26.08 14.90 -13.20
C PHE D 25 -25.62 15.79 -12.03
N CYS D 26 -26.55 16.25 -11.19
CA CYS D 26 -26.20 17.12 -10.06
C CYS D 26 -27.20 17.00 -8.91
N GLY D 27 -26.83 17.51 -7.75
CA GLY D 27 -27.76 17.60 -6.65
C GLY D 27 -28.27 19.01 -6.45
N ALA D 28 -29.20 19.16 -5.51
CA ALA D 28 -29.72 20.46 -5.10
C ALA D 28 -30.45 20.32 -3.77
N THR D 29 -30.91 21.45 -3.23
CA THR D 29 -31.60 21.52 -1.95
C THR D 29 -32.92 22.30 -2.04
N LEU D 30 -34.04 21.66 -1.70
CA LEU D 30 -35.31 22.36 -1.62
C LEU D 30 -35.29 23.36 -0.46
N ILE D 31 -35.44 24.64 -0.77
CA ILE D 31 -35.31 25.70 0.24
C ILE D 31 -36.60 26.52 0.35
N ALA D 32 -37.60 26.11 -0.41
CA ALA D 32 -38.93 26.67 -0.33
C ALA D 32 -39.79 25.75 -1.19
N PRO D 33 -41.12 25.82 -1.07
CA PRO D 33 -41.93 24.87 -1.84
C PRO D 33 -41.72 25.02 -3.35
N ASN D 34 -41.39 26.23 -3.80
CA ASN D 34 -41.19 26.51 -5.21
C ASN D 34 -39.79 27.00 -5.58
N PHE D 35 -38.79 26.70 -4.73
CA PHE D 35 -37.39 27.09 -4.99
C PHE D 35 -36.41 25.99 -4.57
N VAL D 36 -35.44 25.68 -5.43
CA VAL D 36 -34.28 24.90 -5.00
C VAL D 36 -33.00 25.72 -5.17
N MET D 37 -31.94 25.36 -4.44
CA MET D 37 -30.64 25.95 -4.70
C MET D 37 -29.63 24.86 -5.03
N SER D 38 -28.64 25.22 -5.84
CA SER D 38 -27.64 24.26 -6.30
C SER D 38 -26.37 25.03 -6.65
N ALA D 39 -25.43 24.38 -7.31
CA ALA D 39 -24.22 25.06 -7.75
C ALA D 39 -24.45 25.61 -9.15
N ALA D 40 -24.00 26.85 -9.36
CA ALA D 40 -24.18 27.50 -10.66
C ALA D 40 -23.56 26.70 -11.80
N HIS D 41 -22.43 26.06 -11.55
CA HIS D 41 -21.68 25.39 -12.62
C HIS D 41 -22.43 24.16 -13.13
N CYS D 42 -23.45 23.76 -12.39
CA CYS D 42 -24.25 22.60 -12.76
C CYS D 42 -25.26 22.92 -13.85
N VAL D 43 -25.67 24.17 -13.96
CA VAL D 43 -26.64 24.55 -15.00
C VAL D 43 -25.99 25.38 -16.11
N ALA D 44 -24.68 25.61 -16.00
CA ALA D 44 -23.97 26.29 -17.09
C ALA D 44 -23.79 25.32 -18.24
N ASN D 45 -23.87 25.84 -19.47
CA ASN D 45 -23.71 25.02 -20.67
C ASN D 45 -24.53 23.73 -20.57
N VAL D 46 -25.83 23.91 -20.38
CA VAL D 46 -26.77 22.81 -20.25
C VAL D 46 -28.13 23.38 -20.62
N ASN D 47 -28.96 22.59 -21.27
CA ASN D 47 -30.30 23.05 -21.60
C ASN D 47 -31.19 22.99 -20.37
N VAL D 48 -31.32 24.12 -19.70
CA VAL D 48 -32.08 24.21 -18.46
C VAL D 48 -33.56 23.89 -18.67
N ARG D 49 -34.04 24.09 -19.89
CA ARG D 49 -35.44 23.79 -20.22
C ARG D 49 -35.73 22.29 -20.23
N ALA D 50 -34.68 21.48 -20.26
CA ALA D 50 -34.81 20.03 -20.25
C ALA D 50 -34.55 19.44 -18.87
N VAL D 51 -34.15 20.29 -17.92
CA VAL D 51 -33.82 19.85 -16.57
C VAL D 51 -35.07 19.51 -15.78
N ARG D 52 -35.11 18.28 -15.29
CA ARG D 52 -36.19 17.85 -14.43
C ARG D 52 -35.71 17.89 -12.98
N VAL D 53 -36.46 18.59 -12.13
CA VAL D 53 -36.13 18.71 -10.72
C VAL D 53 -36.90 17.64 -9.95
N VAL D 54 -36.19 16.66 -9.41
CA VAL D 54 -36.85 15.52 -8.74
C VAL D 54 -36.75 15.55 -7.22
N LEU D 55 -37.90 15.77 -6.58
CA LEU D 55 -37.98 15.77 -5.11
C LEU D 55 -38.39 14.40 -4.57
N GLY D 56 -38.15 14.21 -3.28
CA GLY D 56 -38.64 13.03 -2.56
C GLY D 56 -38.05 11.72 -3.06
N ALA D 57 -36.90 11.80 -3.72
CA ALA D 57 -36.26 10.63 -4.27
C ALA D 57 -35.30 10.00 -3.26
N HIS D 58 -35.04 8.71 -3.44
CA HIS D 58 -34.07 7.99 -2.62
C HIS D 58 -33.26 7.00 -3.47
N ASN D 59 -33.97 6.10 -4.14
CA ASN D 59 -33.35 5.17 -5.07
C ASN D 59 -33.70 5.55 -6.52
N LEU D 60 -32.70 6.05 -7.25
CA LEU D 60 -32.90 6.53 -8.62
C LEU D 60 -33.04 5.40 -9.63
N SER D 61 -32.78 4.18 -9.20
CA SER D 61 -32.80 3.02 -10.11
C SER D 61 -34.20 2.45 -10.25
N ARG D 62 -35.08 2.78 -9.30
CA ARG D 62 -36.46 2.29 -9.28
C ARG D 62 -37.47 3.43 -9.35
N ARG D 63 -38.66 3.15 -9.86
CA ARG D 63 -39.73 4.15 -9.89
C ARG D 63 -40.33 4.31 -8.49
N GLU D 64 -40.44 5.56 -8.04
CA GLU D 64 -40.92 5.85 -6.69
C GLU D 64 -42.08 6.82 -6.70
N PRO D 65 -43.25 6.38 -6.21
CA PRO D 65 -44.45 7.23 -6.09
C PRO D 65 -44.22 8.45 -5.19
N THR D 66 -43.26 8.35 -4.27
CA THR D 66 -42.96 9.48 -3.37
C THR D 66 -42.45 10.72 -4.11
N ARG D 67 -42.03 10.55 -5.37
CA ARG D 67 -41.38 11.61 -6.14
C ARG D 67 -42.31 12.69 -6.70
N GLN D 68 -41.87 13.94 -6.56
CA GLN D 68 -42.53 15.07 -7.21
C GLN D 68 -41.59 15.73 -8.21
N VAL D 69 -41.96 15.73 -9.49
CA VAL D 69 -41.10 16.27 -10.54
C VAL D 69 -41.56 17.64 -11.01
N PHE D 70 -40.63 18.59 -11.03
CA PHE D 70 -40.92 19.94 -11.51
C PHE D 70 -39.92 20.36 -12.58
N ALA D 71 -40.15 21.55 -13.14
CA ALA D 71 -39.24 22.12 -14.11
C ALA D 71 -38.74 23.49 -13.64
N VAL D 72 -37.74 24.02 -14.31
CA VAL D 72 -37.15 25.28 -13.91
C VAL D 72 -37.93 26.43 -14.53
N GLN D 73 -38.33 27.37 -13.68
CA GLN D 73 -39.12 28.50 -14.12
C GLN D 73 -38.30 29.78 -14.22
N ARG D 74 -37.51 30.06 -13.18
CA ARG D 74 -36.64 31.23 -13.19
C ARG D 74 -35.24 30.89 -12.68
N ILE D 75 -34.26 31.69 -13.10
CA ILE D 75 -32.87 31.46 -12.73
C ILE D 75 -32.25 32.69 -12.07
N PHE D 76 -31.62 32.50 -10.92
CA PHE D 76 -30.96 33.60 -10.21
C PHE D 76 -29.48 33.26 -9.93
N GLU D 77 -28.58 34.20 -10.21
CA GLU D 77 -27.15 33.99 -9.99
C GLU D 77 -26.48 35.28 -9.53
N ASN D 78 -25.56 35.18 -8.59
CA ASN D 78 -25.02 36.35 -7.92
C ASN D 78 -23.48 36.43 -7.95
N GLY D 79 -22.95 36.76 -9.12
CA GLY D 79 -21.51 36.94 -9.27
C GLY D 79 -20.77 35.64 -9.42
N TYR D 80 -21.40 34.68 -10.09
CA TYR D 80 -20.75 33.39 -10.35
C TYR D 80 -19.52 33.58 -11.24
N ASP D 81 -18.38 33.09 -10.76
CA ASP D 81 -17.10 33.13 -11.50
C ASP D 81 -16.81 31.75 -12.08
N PRO D 82 -17.00 31.59 -13.40
CA PRO D 82 -16.87 30.26 -14.00
C PRO D 82 -15.42 29.75 -14.05
N VAL D 83 -14.46 30.63 -13.81
CA VAL D 83 -13.05 30.26 -13.89
C VAL D 83 -12.48 29.80 -12.55
N ASN D 84 -12.69 30.62 -11.52
CA ASN D 84 -12.19 30.34 -10.19
C ASN D 84 -13.22 29.63 -9.34
N LEU D 85 -14.38 29.35 -9.93
CA LEU D 85 -15.57 28.86 -9.23
C LEU D 85 -15.85 29.67 -7.95
N LEU D 86 -15.85 30.99 -8.07
CA LEU D 86 -16.30 31.84 -6.96
C LEU D 86 -17.82 32.04 -7.03
N ASN D 87 -18.45 32.14 -5.87
CA ASN D 87 -19.90 32.25 -5.75
C ASN D 87 -20.62 31.20 -6.59
N ASP D 88 -20.23 29.95 -6.40
CA ASP D 88 -20.78 28.85 -7.17
C ASP D 88 -22.17 28.48 -6.66
N ILE D 89 -23.13 29.39 -6.85
CA ILE D 89 -24.47 29.15 -6.34
C ILE D 89 -25.54 29.66 -7.32
N VAL D 90 -26.57 28.85 -7.52
CA VAL D 90 -27.69 29.26 -8.35
C VAL D 90 -29.00 28.94 -7.63
N ILE D 91 -29.98 29.84 -7.78
CA ILE D 91 -31.32 29.59 -7.26
C ILE D 91 -32.29 29.35 -8.42
N LEU D 92 -32.99 28.22 -8.36
CA LEU D 92 -33.93 27.85 -9.40
C LEU D 92 -35.36 27.90 -8.87
N GLN D 93 -36.15 28.83 -9.40
CA GLN D 93 -37.58 28.84 -9.10
C GLN D 93 -38.25 27.72 -9.90
N LEU D 94 -39.12 26.96 -9.25
CA LEU D 94 -39.80 25.84 -9.92
C LEU D 94 -41.09 26.26 -10.62
N ASN D 95 -41.52 25.47 -11.60
CA ASN D 95 -42.75 25.75 -12.34
C ASN D 95 -44.01 25.50 -11.50
N GLY D 96 -43.82 25.10 -10.26
CA GLY D 96 -44.93 24.89 -9.35
C GLY D 96 -44.46 24.90 -7.91
N SER D 97 -45.34 24.50 -6.99
CA SER D 97 -44.93 24.32 -5.61
C SER D 97 -44.98 22.85 -5.19
N ALA D 98 -44.05 22.45 -4.33
CA ALA D 98 -44.01 21.10 -3.82
C ALA D 98 -45.14 20.88 -2.83
N THR D 99 -45.65 19.66 -2.77
CA THR D 99 -46.59 19.29 -1.72
C THR D 99 -45.77 18.80 -0.52
N ILE D 100 -45.73 19.61 0.52
CA ILE D 100 -44.97 19.32 1.71
C ILE D 100 -45.51 18.13 2.49
N ASN D 101 -44.73 17.07 2.57
CA ASN D 101 -45.08 15.88 3.34
C ASN D 101 -43.86 15.30 4.05
N ALA D 102 -43.85 13.99 4.29
CA ALA D 102 -42.75 13.37 5.03
C ALA D 102 -41.52 13.17 4.15
N ASN D 103 -41.74 12.90 2.86
CA ASN D 103 -40.64 12.65 1.92
C ASN D 103 -40.07 13.91 1.29
N VAL D 104 -40.84 15.00 1.37
CA VAL D 104 -40.49 16.25 0.72
C VAL D 104 -40.62 17.39 1.70
N GLN D 105 -39.49 17.91 2.17
CA GLN D 105 -39.50 18.98 3.16
C GLN D 105 -38.53 20.09 2.80
N VAL D 106 -38.81 21.28 3.33
CA VAL D 106 -38.00 22.45 3.08
C VAL D 106 -36.84 22.51 4.07
N ALA D 107 -35.64 22.75 3.57
CA ALA D 107 -34.45 22.82 4.42
C ALA D 107 -34.39 24.13 5.18
N GLN D 108 -33.51 24.16 6.18
CA GLN D 108 -33.31 25.34 6.99
C GLN D 108 -31.91 25.88 6.74
N LEU D 109 -31.78 27.20 6.70
CA LEU D 109 -30.53 27.86 6.39
C LEU D 109 -30.04 28.63 7.61
N PRO D 110 -28.71 28.85 7.70
CA PRO D 110 -28.13 29.60 8.81
C PRO D 110 -28.33 31.10 8.67
N ALA D 111 -27.72 31.85 9.58
CA ALA D 111 -27.80 33.30 9.55
C ALA D 111 -26.70 33.87 8.67
N GLN D 112 -26.99 35.04 8.09
CA GLN D 112 -26.05 35.72 7.22
C GLN D 112 -24.71 35.88 7.94
N GLY D 113 -23.64 35.48 7.25
CA GLY D 113 -22.29 35.70 7.72
C GLY D 113 -21.79 34.72 8.77
N ARG D 114 -22.59 33.73 9.13
CA ARG D 114 -22.18 32.73 10.11
C ARG D 114 -21.05 31.86 9.57
N ARG D 115 -19.93 31.83 10.27
CA ARG D 115 -18.78 31.08 9.82
C ARG D 115 -18.51 29.86 10.71
N LEU D 116 -18.15 28.75 10.08
CA LEU D 116 -17.84 27.53 10.82
C LEU D 116 -16.35 27.41 11.14
N GLY D 117 -16.03 26.91 12.32
CA GLY D 117 -14.64 26.72 12.70
C GLY D 117 -14.16 25.30 12.47
N ASN D 118 -12.84 25.13 12.43
CA ASN D 118 -12.18 23.82 12.38
C ASN D 118 -12.77 22.78 13.31
N GLY D 119 -12.90 21.55 12.84
CA GLY D 119 -13.36 20.46 13.69
C GLY D 119 -14.85 20.23 13.68
N VAL D 120 -15.62 21.27 13.33
CA VAL D 120 -17.08 21.16 13.30
C VAL D 120 -17.50 19.97 12.45
N GLN D 121 -18.36 19.12 13.02
CA GLN D 121 -18.79 17.89 12.36
C GLN D 121 -20.01 18.12 11.48
N CYS D 122 -19.92 17.69 10.22
CA CYS D 122 -20.96 17.90 9.24
C CYS D 122 -21.32 16.61 8.52
N LEU D 123 -22.41 16.64 7.77
CA LEU D 123 -22.80 15.52 6.94
C LEU D 123 -22.87 15.97 5.47
N ALA D 124 -22.13 15.29 4.61
CA ALA D 124 -22.26 15.49 3.18
C ALA D 124 -23.08 14.34 2.61
N MET D 125 -23.66 14.54 1.44
CA MET D 125 -24.54 13.54 0.84
C MET D 125 -24.68 13.80 -0.67
N GLY D 126 -25.08 12.78 -1.41
CA GLY D 126 -25.28 12.91 -2.83
C GLY D 126 -25.38 11.58 -3.57
N TRP D 127 -25.75 11.64 -4.84
CA TRP D 127 -25.87 10.44 -5.67
C TRP D 127 -24.68 10.29 -6.61
N GLY D 128 -23.57 10.95 -6.30
CA GLY D 128 -22.41 10.92 -7.18
C GLY D 128 -21.69 9.59 -7.24
N LEU D 129 -20.50 9.59 -7.87
CA LEU D 129 -19.72 8.37 -8.05
C LEU D 129 -19.34 7.70 -6.72
N LEU D 130 -19.39 6.38 -6.70
CA LEU D 130 -19.03 5.63 -5.49
C LEU D 130 -17.52 5.44 -5.42
N GLY D 131 -16.88 5.45 -6.58
CA GLY D 131 -15.44 5.28 -6.66
C GLY D 131 -14.94 5.38 -8.08
N GLY D 135 -19.91 2.88 -10.54
CA GLY D 135 -20.24 4.17 -11.12
C GLY D 135 -21.09 5.03 -10.21
N ILE D 136 -22.02 5.78 -10.79
CA ILE D 136 -22.91 6.67 -10.04
C ILE D 136 -23.84 5.85 -9.15
N ALA D 137 -23.99 6.30 -7.91
CA ALA D 137 -24.78 5.60 -6.91
C ALA D 137 -26.28 5.67 -7.21
N SER D 138 -26.96 4.56 -6.98
CA SER D 138 -28.41 4.50 -7.15
C SER D 138 -29.11 4.91 -5.86
N VAL D 139 -28.57 4.47 -4.73
CA VAL D 139 -29.12 4.81 -3.43
C VAL D 139 -28.38 6.02 -2.84
N LEU D 140 -29.15 6.96 -2.27
CA LEU D 140 -28.58 8.17 -1.69
C LEU D 140 -27.49 7.83 -0.67
N GLN D 141 -26.30 8.39 -0.88
CA GLN D 141 -25.17 8.16 0.01
C GLN D 141 -24.95 9.33 0.96
N GLU D 142 -24.60 9.04 2.21
CA GLU D 142 -24.19 10.08 3.15
C GLU D 142 -22.82 9.75 3.75
N LEU D 143 -22.23 10.74 4.41
CA LEU D 143 -20.83 10.67 4.77
C LEU D 143 -20.49 11.74 5.80
N ASN D 144 -19.85 11.30 6.89
CA ASN D 144 -19.42 12.20 7.94
C ASN D 144 -18.13 12.90 7.53
N VAL D 145 -18.11 14.22 7.65
CA VAL D 145 -16.95 14.99 7.24
C VAL D 145 -16.68 16.04 8.30
N THR D 146 -15.54 16.69 8.19
CA THR D 146 -15.11 17.66 9.19
C THR D 146 -14.68 18.96 8.53
N VAL D 147 -15.14 20.07 9.07
CA VAL D 147 -14.75 21.38 8.57
C VAL D 147 -13.26 21.65 8.84
N VAL D 148 -12.54 22.11 7.82
CA VAL D 148 -11.13 22.48 7.92
C VAL D 148 -10.92 23.85 7.31
N THR D 149 -9.82 24.50 7.66
CA THR D 149 -9.53 25.81 7.07
C THR D 149 -8.15 25.83 6.42
N SER D 150 -7.37 24.79 6.65
CA SER D 150 -6.10 24.64 5.95
C SER D 150 -6.38 24.20 4.52
N LEU D 151 -5.64 24.75 3.57
CA LEU D 151 -5.82 24.42 2.15
C LEU D 151 -7.25 24.71 1.67
N CYS D 152 -7.74 25.90 1.99
CA CYS D 152 -9.11 26.29 1.64
C CYS D 152 -9.16 27.79 1.49
N ARG D 153 -9.93 28.27 0.52
CA ARG D 153 -10.07 29.70 0.37
C ARG D 153 -11.02 30.22 1.42
N ARG D 154 -10.86 31.49 1.81
CA ARG D 154 -11.79 32.12 2.72
C ARG D 154 -13.19 32.21 2.09
N SER D 155 -13.25 32.12 0.76
CA SER D 155 -14.54 32.22 0.06
C SER D 155 -15.21 30.86 -0.09
N ASN D 156 -14.67 29.83 0.54
CA ASN D 156 -15.29 28.52 0.53
C ASN D 156 -15.49 27.98 1.94
N VAL D 157 -16.35 26.99 2.08
CA VAL D 157 -16.40 26.15 3.26
C VAL D 157 -15.88 24.79 2.87
N CYS D 158 -14.76 24.41 3.47
CA CYS D 158 -14.04 23.20 3.09
C CYS D 158 -14.15 22.12 4.15
N THR D 159 -14.21 20.87 3.70
CA THR D 159 -14.31 19.74 4.60
C THR D 159 -13.31 18.65 4.25
N LEU D 160 -13.02 17.77 5.21
CA LEU D 160 -12.06 16.70 5.03
C LEU D 160 -12.38 15.52 5.92
N VAL D 161 -12.30 14.31 5.37
CA VAL D 161 -12.36 13.11 6.17
C VAL D 161 -10.94 12.71 6.54
N ARG D 162 -10.59 12.79 7.82
CA ARG D 162 -9.26 12.39 8.29
C ARG D 162 -9.16 10.90 8.62
N GLY D 163 -8.00 10.31 8.32
CA GLY D 163 -7.74 8.93 8.68
C GLY D 163 -8.04 7.93 7.59
N ARG D 164 -8.74 8.38 6.55
CA ARG D 164 -8.96 7.54 5.39
C ARG D 164 -9.21 8.41 4.18
N GLN D 165 -9.45 7.77 3.04
CA GLN D 165 -9.74 8.47 1.80
C GLN D 165 -11.23 8.41 1.46
N ALA D 166 -11.89 9.55 1.55
CA ALA D 166 -13.33 9.64 1.31
C ALA D 166 -13.74 11.08 1.01
N GLY D 167 -14.87 11.24 0.34
CA GLY D 167 -15.34 12.57 -0.01
C GLY D 167 -16.38 12.56 -1.11
N VAL D 168 -16.73 13.74 -1.61
CA VAL D 168 -17.71 13.84 -2.68
C VAL D 168 -17.05 13.55 -4.01
N CYS D 169 -17.83 13.14 -5.00
CA CYS D 169 -17.27 12.87 -6.31
C CYS D 169 -18.18 13.43 -7.40
N PHE D 170 -17.94 13.00 -8.64
CA PHE D 170 -18.72 13.45 -9.78
C PHE D 170 -20.18 13.09 -9.59
N GLY D 171 -21.06 14.10 -9.69
CA GLY D 171 -22.49 13.89 -9.50
C GLY D 171 -22.97 14.40 -8.16
N ASP D 172 -22.02 14.69 -7.27
CA ASP D 172 -22.35 15.23 -5.95
C ASP D 172 -22.43 16.75 -5.95
N SER D 173 -21.92 17.39 -7.00
CA SER D 173 -22.03 18.84 -7.13
C SER D 173 -23.47 19.33 -6.97
N GLY D 174 -23.64 20.44 -6.26
CA GLY D 174 -24.95 21.02 -6.03
C GLY D 174 -25.60 20.50 -4.76
N SER D 175 -25.07 19.40 -4.23
CA SER D 175 -25.62 18.76 -3.04
C SER D 175 -25.32 19.52 -1.76
N PRO D 176 -26.27 19.54 -0.82
CA PRO D 176 -26.09 20.28 0.43
C PRO D 176 -25.00 19.71 1.33
N LEU D 177 -24.45 20.59 2.16
CA LEU D 177 -23.63 20.18 3.28
C LEU D 177 -24.38 20.56 4.54
N VAL D 178 -24.80 19.56 5.31
CA VAL D 178 -25.59 19.80 6.52
C VAL D 178 -24.72 19.87 7.77
N CYS D 179 -24.76 21.02 8.43
CA CYS D 179 -24.04 21.21 9.70
C CYS D 179 -25.00 21.71 10.78
N ASN D 180 -25.22 20.88 11.81
CA ASN D 180 -26.13 21.20 12.92
C ASN D 180 -27.56 21.45 12.45
N GLY D 181 -28.08 20.57 11.59
CA GLY D 181 -29.42 20.73 11.04
C GLY D 181 -29.52 21.75 9.92
N LEU D 182 -28.52 22.62 9.78
CA LEU D 182 -28.57 23.72 8.82
C LEU D 182 -27.71 23.46 7.56
N ILE D 183 -28.18 23.94 6.42
CA ILE D 183 -27.43 23.81 5.17
C ILE D 183 -26.37 24.91 5.06
N HIS D 184 -25.11 24.55 5.30
CA HIS D 184 -24.04 25.53 5.30
C HIS D 184 -23.26 25.55 3.99
N GLY D 185 -23.46 24.54 3.15
CA GLY D 185 -22.65 24.43 1.95
C GLY D 185 -23.32 23.75 0.78
N ILE D 186 -22.85 24.12 -0.41
CA ILE D 186 -23.26 23.49 -1.67
C ILE D 186 -22.02 22.91 -2.35
N ALA D 187 -22.05 21.63 -2.67
CA ALA D 187 -20.86 20.94 -3.19
C ALA D 187 -20.39 21.59 -4.48
N SER D 188 -19.18 22.15 -4.46
CA SER D 188 -18.65 22.93 -5.57
C SER D 188 -17.52 22.24 -6.34
N PHE D 189 -16.39 21.94 -5.70
CA PHE D 189 -15.31 21.24 -6.41
C PHE D 189 -14.36 20.45 -5.51
N VAL D 190 -13.80 19.40 -6.09
CA VAL D 190 -12.74 18.64 -5.45
C VAL D 190 -11.39 19.04 -6.04
N ARG D 191 -10.31 18.53 -5.44
CA ARG D 191 -8.96 18.73 -5.96
C ARG D 191 -8.15 17.46 -5.84
N GLY D 192 -7.37 17.15 -6.87
CA GLY D 192 -6.50 15.98 -6.85
C GLY D 192 -7.25 14.68 -7.02
N GLY D 193 -8.38 14.75 -7.71
CA GLY D 193 -9.25 13.60 -7.85
C GLY D 193 -10.12 13.47 -6.63
N CYS D 194 -11.13 12.63 -6.70
CA CYS D 194 -12.03 12.42 -5.57
C CYS D 194 -11.30 11.67 -4.46
N ALA D 195 -11.55 12.09 -3.22
CA ALA D 195 -10.97 11.46 -2.03
C ALA D 195 -9.44 11.34 -2.11
N SER D 196 -8.78 12.47 -2.28
CA SER D 196 -7.32 12.50 -2.36
C SER D 196 -6.68 12.30 -0.99
N GLY D 197 -7.43 12.59 0.07
CA GLY D 197 -6.91 12.49 1.42
C GLY D 197 -5.98 13.64 1.81
N LEU D 198 -5.77 14.59 0.90
CA LEU D 198 -4.95 15.75 1.21
C LEU D 198 -5.72 17.05 1.00
N TYR D 199 -6.37 17.16 -0.15
CA TYR D 199 -7.12 18.35 -0.48
C TYR D 199 -8.53 18.24 0.08
N PRO D 200 -8.95 19.26 0.85
CA PRO D 200 -10.36 19.28 1.28
C PRO D 200 -11.34 19.61 0.15
N ASP D 201 -12.49 18.95 0.17
CA ASP D 201 -13.61 19.28 -0.72
C ASP D 201 -14.07 20.71 -0.47
N ALA D 202 -14.44 21.41 -1.53
CA ALA D 202 -14.85 22.80 -1.41
C ALA D 202 -16.36 22.95 -1.59
N PHE D 203 -16.98 23.74 -0.72
CA PHE D 203 -18.41 24.01 -0.83
C PHE D 203 -18.64 25.50 -0.95
N ALA D 204 -19.66 25.89 -1.72
CA ALA D 204 -20.09 27.28 -1.70
C ALA D 204 -20.68 27.58 -0.32
N PRO D 205 -20.25 28.68 0.32
CA PRO D 205 -20.65 29.01 1.69
C PRO D 205 -22.03 29.68 1.73
N VAL D 206 -23.06 28.87 1.93
CA VAL D 206 -24.45 29.31 1.90
C VAL D 206 -24.73 30.50 2.81
N ALA D 207 -24.08 30.52 3.97
CA ALA D 207 -24.35 31.55 4.96
C ALA D 207 -23.92 32.93 4.48
N GLN D 208 -23.07 32.98 3.45
CA GLN D 208 -22.63 34.26 2.92
C GLN D 208 -23.63 34.80 1.91
N PHE D 209 -24.60 33.98 1.52
CA PHE D 209 -25.58 34.38 0.51
C PHE D 209 -27.02 34.42 1.05
N VAL D 210 -27.17 34.39 2.38
CA VAL D 210 -28.49 34.25 2.98
C VAL D 210 -29.38 35.47 2.74
N ASN D 211 -28.84 36.67 2.89
CA ASN D 211 -29.66 37.86 2.64
C ASN D 211 -30.12 37.90 1.18
N TRP D 212 -29.24 37.51 0.27
CA TRP D 212 -29.58 37.45 -1.14
C TRP D 212 -30.62 36.37 -1.41
N ILE D 213 -30.46 35.21 -0.78
CA ILE D 213 -31.42 34.13 -0.95
C ILE D 213 -32.81 34.52 -0.45
N ASP D 214 -32.84 35.17 0.71
CA ASP D 214 -34.09 35.56 1.34
C ASP D 214 -34.85 36.57 0.47
N SER D 215 -34.14 37.57 -0.03
CA SER D 215 -34.74 38.57 -0.91
C SER D 215 -35.37 37.97 -2.16
N ILE D 216 -35.06 36.70 -2.43
CA ILE D 216 -35.62 36.00 -3.57
C ILE D 216 -36.80 35.12 -3.16
N ILE D 217 -36.60 34.29 -2.16
CA ILE D 217 -37.67 33.39 -1.71
C ILE D 217 -38.53 34.03 -0.61
N GLN D 218 -38.30 35.31 -0.35
CA GLN D 218 -39.04 36.14 0.61
C GLN D 218 -39.23 35.44 1.96
C1 NAG E . 19.78 5.36 -2.91
C2 NAG E . 21.15 4.71 -2.73
C3 NAG E . 22.22 5.78 -2.56
C4 NAG E . 22.16 6.78 -3.72
C5 NAG E . 20.75 7.32 -3.88
C6 NAG E . 20.60 8.20 -5.11
C7 NAG E . 20.56 2.60 -1.62
C8 NAG E . 20.66 1.79 -0.35
N2 NAG E . 21.15 3.81 -1.60
O3 NAG E . 23.49 5.16 -2.56
O4 NAG E . 23.08 7.84 -3.48
O5 NAG E . 19.82 6.24 -4.03
O6 NAG E . 20.92 7.48 -6.29
O7 NAG E . 19.95 2.18 -2.62
C1 NAG E . 24.34 7.82 -4.18
C2 NAG E . 24.92 9.21 -4.40
C3 NAG E . 26.41 9.11 -4.72
C4 NAG E . 27.13 8.36 -3.62
C5 NAG E . 26.48 6.99 -3.40
C6 NAG E . 27.07 6.27 -2.21
C7 NAG E . 23.34 10.90 -5.21
C8 NAG E . 22.70 11.54 -6.42
N2 NAG E . 24.21 9.92 -5.45
O3 NAG E . 26.95 10.42 -4.86
O4 NAG E . 28.50 8.20 -3.95
O5 NAG E . 25.08 7.14 -3.14
O6 NAG E . 26.59 4.93 -2.12
O7 NAG E . 23.07 11.26 -4.08
C1 FUC E . 21.84 7.80 -7.36
C2 FUC E . 21.76 6.69 -8.41
C3 FUC E . 20.42 6.66 -9.16
C4 FUC E . 20.02 8.07 -9.64
C5 FUC E . 20.08 9.04 -8.45
C6 FUC E . 19.77 10.48 -8.81
O2 FUC E . 22.00 5.38 -7.83
O3 FUC E . 20.54 5.83 -10.30
O4 FUC E . 20.89 8.52 -10.66
O5 FUC E . 21.39 9.04 -7.83
C1 NAG F . 1.04 30.99 -20.05
C2 NAG F . 1.11 32.51 -19.91
C3 NAG F . 0.99 32.90 -18.45
C4 NAG F . -0.26 32.29 -17.84
C5 NAG F . -0.26 30.78 -18.06
C6 NAG F . -1.49 30.06 -17.55
C7 NAG F . 2.45 33.41 -21.77
C8 NAG F . 3.79 33.90 -22.20
N2 NAG F . 2.34 33.01 -20.49
O3 NAG F . 0.97 34.32 -18.34
O4 NAG F . -0.29 32.56 -16.44
O5 NAG F . -0.17 30.51 -19.47
O6 NAG F . -2.52 30.95 -17.14
O7 NAG F . 1.49 33.39 -22.53
C1 NAG F . -0.97 33.38 -15.49
C2 NAG F . -1.44 33.33 -14.04
C3 NAG F . -2.42 34.46 -13.73
C4 NAG F . -1.87 35.80 -14.19
C5 NAG F . -1.42 35.70 -15.65
C6 NAG F . -0.78 36.97 -16.17
C7 NAG F . -1.48 31.09 -13.02
C8 NAG F . -2.27 29.83 -12.83
N2 NAG F . -2.06 32.04 -13.76
O3 NAG F . -2.67 34.51 -12.33
O4 NAG F . -2.88 36.80 -14.09
O5 NAG F . -0.43 34.66 -15.76
O6 NAG F . -1.48 37.45 -17.31
O7 NAG F . -0.37 31.25 -12.50
C1 NAG G . 24.24 -18.99 8.69
C2 NAG G . 24.81 -17.84 9.54
C3 NAG G . 23.68 -16.95 10.03
C4 NAG G . 22.84 -16.47 8.85
C5 NAG G . 22.33 -17.68 8.08
C6 NAG G . 21.51 -17.32 6.86
C7 NAG G . 26.90 -18.61 10.53
C8 NAG G . 27.56 -19.14 11.77
N2 NAG G . 25.60 -18.35 10.65
O3 NAG G . 24.23 -15.84 10.73
O4 NAG G . 21.75 -15.67 9.28
O5 NAG G . 23.44 -18.46 7.63
O6 NAG G . 22.09 -16.22 6.17
O7 NAG G . 27.52 -18.44 9.48
C1 NAG G . 21.75 -14.24 9.47
C2 NAG G . 20.29 -13.79 9.52
C3 NAG G . 20.22 -12.34 10.02
C4 NAG G . 20.90 -12.23 11.37
C5 NAG G . 22.33 -12.75 11.30
C6 NAG G . 22.98 -12.81 12.66
C7 NAG G . 18.74 -14.86 7.96
C8 NAG G . 18.16 -14.84 6.57
N2 NAG G . 19.65 -13.91 8.22
O3 NAG G . 18.86 -11.93 10.09
O4 NAG G . 20.91 -10.87 11.80
O5 NAG G . 22.34 -14.09 10.78
O6 NAG G . 24.07 -13.74 12.69
O7 NAG G . 18.40 -15.69 8.80
C1 FUC G . 22.00 -15.02 5.37
C2 FUC G . 23.15 -14.42 4.54
C3 FUC G . 23.42 -15.29 3.30
C4 FUC G . 22.12 -15.47 2.49
C5 FUC G . 21.03 -16.07 3.38
C6 FUC G . 19.68 -16.13 2.68
O2 FUC G . 24.34 -14.20 5.30
O3 FUC G . 24.36 -14.63 2.45
O4 FUC G . 21.66 -14.23 2.00
O5 FUC G . 20.84 -15.28 4.60
C1 NAG H . 1.30 -27.65 -17.76
C2 NAG H . -0.20 -27.49 -17.84
C3 NAG H . -0.84 -28.21 -16.68
C4 NAG H . -0.43 -29.66 -16.60
C5 NAG H . 1.09 -29.74 -16.65
C6 NAG H . 1.50 -31.20 -16.66
C7 NAG H . -0.91 -25.37 -18.76
C8 NAG H . -1.21 -23.96 -18.45
N2 NAG H . -0.55 -26.10 -17.74
O3 NAG H . -2.24 -28.14 -16.83
O4 NAG H . -0.82 -30.18 -15.33
O5 NAG H . 1.59 -29.02 -17.76
O6 NAG H . 1.38 -31.86 -17.91
O7 NAG H . -1.00 -25.80 -19.89
C1 NAG H . -1.77 -31.24 -15.44
C2 NAG H . -2.03 -31.77 -14.04
C3 NAG H . -3.30 -32.60 -13.86
C4 NAG H . -4.43 -32.11 -14.73
C5 NAG H . -3.91 -31.89 -16.11
C6 NAG H . -5.05 -31.52 -17.03
C7 NAG H . -0.21 -32.42 -12.66
C8 NAG H . 0.89 -33.41 -12.51
N2 NAG H . -0.91 -32.60 -13.75
O3 NAG H . -3.78 -32.48 -12.53
O4 NAG H . -5.50 -33.06 -14.72
O5 NAG H . -2.98 -30.84 -16.01
O6 NAG H . -5.50 -30.20 -16.79
O7 NAG H . -0.42 -31.55 -11.87
C1 NAG I . -9.01 -0.69 9.03
C2 NAG I . -8.71 -0.23 7.62
C3 NAG I . -8.81 -1.42 6.67
C4 NAG I . -7.84 -2.50 7.12
C5 NAG I . -8.13 -2.89 8.57
C6 NAG I . -7.12 -3.86 9.12
C7 NAG I . -9.30 2.14 7.40
C8 NAG I . -10.30 3.13 6.89
N2 NAG I . -9.57 0.85 7.19
O3 NAG I . -8.52 -1.00 5.34
O4 NAG I . -7.94 -3.66 6.29
O5 NAG I . -8.10 -1.73 9.41
O6 NAG I . -5.81 -3.55 8.66
O7 NAG I . -8.27 2.49 7.99
C1 NAG I . -7.33 -3.88 5.00
C2 NAG I . -7.23 -5.37 4.71
C3 NAG I . -6.77 -5.60 3.27
C4 NAG I . -7.70 -4.86 2.31
C5 NAG I . -7.81 -3.39 2.68
C6 NAG I . -8.82 -2.64 1.84
C7 NAG I . -6.76 -6.87 6.60
C8 NAG I . -5.69 -7.49 7.45
N2 NAG I . -6.33 -6.04 5.63
O3 NAG I . -6.78 -6.99 3.00
O4 NAG I . -7.18 -4.97 0.99
O5 NAG I . -8.23 -3.26 4.06
O6 NAG I . -9.02 -1.32 2.29
O7 NAG I . -7.95 -7.10 6.78
C1 FUC I . -4.47 -3.89 8.25
C2 FUC I . -3.30 -2.90 8.22
C3 FUC I . -2.76 -2.62 9.66
C4 FUC I . -2.56 -3.91 10.48
C5 FUC I . -3.81 -4.78 10.40
C6 FUC I . -3.65 -6.13 11.07
O2 FUC I . -3.66 -1.69 7.59
O3 FUC I . -1.49 -1.93 9.60
O4 FUC I . -1.40 -4.62 10.05
O5 FUC I . -4.19 -5.05 9.03
C1 NAG J . -22.04 11.07 11.67
C2 NAG J . -21.67 11.15 13.14
C3 NAG J . -22.88 10.86 14.03
C4 NAG J . -24.04 11.76 13.63
C5 NAG J . -24.31 11.71 12.13
C6 NAG J . -25.31 12.73 11.68
C7 NAG J . -19.29 10.59 13.41
C8 NAG J . -18.31 9.51 13.76
N2 NAG J . -20.58 10.23 13.45
O3 NAG J . -22.55 11.07 15.40
O4 NAG J . -25.23 11.37 14.32
O5 NAG J . -23.10 11.99 11.40
O6 NAG J . -24.96 14.02 12.16
O7 NAG J . -18.95 11.72 13.11
C1 NAG J . -25.74 11.80 15.60
C2 NAG J . -27.25 11.65 15.70
C3 NAG J . -27.70 11.81 17.15
C4 NAG J . -26.95 10.82 18.03
C5 NAG J . -25.44 11.01 17.85
C6 NAG J . -24.62 9.99 18.62
C7 NAG J . -28.57 12.26 13.72
C8 NAG J . -29.23 13.37 12.96
N2 NAG J . -27.94 12.61 14.85
O3 NAG J . -29.09 11.60 17.25
O4 NAG J . -27.30 11.01 19.40
O5 NAG J . -25.10 10.85 16.47
O6 NAG J . -23.24 10.13 18.35
O7 NAG J . -28.61 11.09 13.34
C1 FUC J . -25.68 15.11 12.77
C2 FUC J . -24.85 16.35 13.04
C3 FUC J . -24.39 17.01 11.71
C4 FUC J . -25.60 17.24 10.79
C5 FUC J . -26.34 15.94 10.58
C6 FUC J . -27.59 16.09 9.78
O2 FUC J . -23.75 16.09 13.90
O3 FUC J . -23.81 18.28 11.97
O4 FUC J . -26.48 18.19 11.40
O5 FUC J . -26.74 15.36 11.86
C1 NAG K . -43.84 21.27 -14.37
C2 NAG K . -45.32 20.99 -14.57
C3 NAG K . -45.60 19.48 -14.49
C4 NAG K . -44.76 18.74 -15.51
C5 NAG K . -43.31 19.06 -15.20
C6 NAG K . -42.32 18.26 -16.05
C7 NAG K . -46.88 22.67 -13.73
C8 NAG K . -47.49 23.27 -12.53
N2 NAG K . -46.07 21.65 -13.54
O3 NAG K . -46.97 19.23 -14.68
O4 NAG K . -45.03 17.32 -15.49
O5 NAG K . -43.10 20.46 -15.24
O6 NAG K . -41.90 18.77 -17.31
O7 NAG K . -47.11 23.12 -14.80
C1 NAG K . -45.44 16.81 -16.39
C2 NAG K . -45.37 15.30 -16.20
C3 NAG K . -46.38 14.59 -17.13
C4 NAG K . -46.60 15.39 -18.41
C5 NAG K . -47.11 16.80 -18.11
C6 NAG K . -48.61 16.91 -18.22
C7 NAG K . -43.17 14.57 -15.43
C8 NAG K . -41.82 14.05 -15.82
N2 NAG K . -44.03 14.80 -16.43
O3 NAG K . -47.61 14.43 -16.44
O4 NAG K . -45.40 15.45 -19.18
O5 NAG K . -46.77 17.17 -16.76
O6 NAG K . -48.99 17.76 -19.29
O7 NAG K . -43.48 14.76 -14.25
C1 HVP L . -2.73 4.78 -10.91
C2 HVP L . -1.34 4.68 -10.79
C4 HVP L . -1.59 3.26 -8.85
C5 HVP L . -2.97 3.34 -8.97
O4 HVP L . 0.84 5.76 -10.94
S2 HVP L . -0.30 5.41 -11.76
O3 HVP L . 0.15 4.42 -12.70
C3 HVP L . -0.78 3.93 -9.76
C6 HVP L . -3.54 4.09 -10.00
S1 HVP L . -3.52 5.60 -12.06
O1 HVP L . -2.88 6.84 -12.43
O2 HVP L . -3.64 4.75 -13.21
F1 HVP L . -4.92 5.94 -11.51
C1 HVP M . 26.42 -34.48 -9.33
C2 HVP M . 26.52 -33.28 -8.60
C4 HVP M . 27.98 -34.39 -7.01
C5 HVP M . 27.89 -35.57 -7.74
O4 HVP M . 26.25 -31.46 -10.29
S2 HVP M . 25.77 -31.92 -9.02
O3 HVP M . 26.00 -30.88 -8.06
C3 HVP M . 27.29 -33.25 -7.45
C6 HVP M . 27.11 -35.61 -8.89
S1 HVP M . 25.56 -34.66 -10.69
O1 HVP M . 25.88 -35.94 -11.24
O2 HVP M . 25.88 -33.67 -11.67
F1 HVP M . 24.03 -34.59 -10.39
C1 NAG N . 0.22 -25.01 33.60
C2 NAG N . 0.14 -26.53 33.85
C3 NAG N . -1.29 -27.02 33.71
C4 NAG N . -2.23 -26.21 34.59
C5 NAG N . -2.09 -24.73 34.25
C6 NAG N . -2.95 -23.83 35.10
C7 NAG N . 2.16 -27.83 33.32
C8 NAG N . 2.94 -28.51 32.24
N2 NAG N . 1.02 -27.24 32.94
O3 NAG N . -1.37 -28.40 34.06
O4 NAG N . -3.58 -26.62 34.39
O5 NAG N . -0.72 -24.33 34.45
O6 NAG N . -2.82 -24.09 36.49
O7 NAG N . 2.55 -27.80 34.49
C1 HVP O . -5.58 1.43 32.41
C2 HVP O . -5.36 1.44 31.03
C4 HVP O . -6.95 3.25 30.81
C5 HVP O . -7.16 3.24 32.19
O4 HVP O . -3.01 0.65 30.70
S2 HVP O . -4.36 0.46 30.26
O3 HVP O . -4.42 0.78 28.86
C3 HVP O . -6.05 2.35 30.24
C6 HVP O . -6.48 2.33 32.98
S1 HVP O . -4.88 0.42 33.43
O1 HVP O . -5.29 0.79 34.76
O2 HVP O . -3.44 0.52 33.36
F1 HVP O . -5.32 -1.03 33.12
C1 HVP P . -17.29 17.45 -10.23
C2 HVP P . -17.56 17.64 -8.86
C4 HVP P . -16.00 15.88 -8.30
C5 HVP P . -15.73 15.67 -9.64
O4 HVP P . -18.39 19.98 -8.97
S2 HVP P . -18.59 18.74 -8.28
O3 HVP P . -18.30 18.91 -6.87
C3 HVP P . -16.91 16.85 -7.91
C6 HVP P . -16.37 16.46 -10.60
S1 HVP P . -17.95 18.26 -11.46
O1 HVP P . -17.20 19.47 -11.68
O2 HVP P . -19.35 18.57 -11.20
F1 HVP P . -17.89 17.36 -12.71
#